data_2D1G
#
_entry.id   2D1G
#
_cell.length_a   112.081
_cell.length_b   144.399
_cell.length_c   123.859
_cell.angle_alpha   90.00
_cell.angle_beta   90.00
_cell.angle_gamma   90.00
#
_symmetry.space_group_name_H-M   'C 2 2 21'
#
loop_
_entity.id
_entity.type
_entity.pdbx_description
1 polymer 'acid phosphatase'
2 non-polymer 'VANADATE ION'
3 non-polymer 'UNKNOWN ATOM OR ION'
4 non-polymer 2-{2-[2-2-(METHOXY-ETHOXY)-ETHOXY]-ETHOXY}-ETHANOL
5 non-polymer 2-ETHOXYETHANOL
6 non-polymer DECAVANADATE
7 non-polymer 'TRIETHYLENE GLYCOL'
8 water water
#
_entity_poly.entity_id   1
_entity_poly.type   'polypeptide(L)'
_entity_poly.pdbx_seq_one_letter_code
;MDVNNSKPNDYGTLVKIEQKLFNNANTLKTTTPIKHVVIIFQENNSFDRYFGMYPNAKNPEGEPKFVAKENTPNVNGLTK
QLLENNPNTKNPYRLDRNFQPCSQNHEYHQEISSFNGGLMNKFVEHGGHDNDTYKQNCDGQVMGYYDGNTVTALWNYAQN
FALNDNTFGTTFGPSTPGALNLVAGANGPAMSPSGNLENIENNYIIDDPNPYYDDCSYGTSKSGDTNTAVAKITDGYNIG
HYLTQKGITWGWFQGGFKPTSYSGKTAICDAMSTNKFGVKSRDYIPHHEPFNYWKETSNPHHLAPSDDKYIGSNDQANHQ
YDISEFWKALDQNNMPAVSYLKAPGYQDGHGGYSNPLDEQEWLVNTINRIQQSKDWDSTAIIIIYDDSDGDYDHVYSPKS
QFSDIKGRQGYGPRLPMLVISPYAKANYVDHSLLNQASVLKFIEYNWGIGSVSKYSNDKYSNNILNMFDFNKEQKTLKLI
LDPKTGLVMDKLNHHHHH
;
_entity_poly.pdbx_strand_id   A,B
#
loop_
_chem_comp.id
_chem_comp.type
_chem_comp.name
_chem_comp.formula
DVT non-polymer DECAVANADATE 'O28 V10 -6'
ETE non-polymer 2-{2-[2-2-(METHOXY-ETHOXY)-ETHOXY]-ETHOXY}-ETHANOL 'C9 H20 O5'
ETX non-polymer 2-ETHOXYETHANOL 'C4 H10 O2'
PGE non-polymer 'TRIETHYLENE GLYCOL' 'C6 H14 O4'
UNX non-polymer 'UNKNOWN ATOM OR ION' ?
VO4 non-polymer 'VANADATE ION' 'O4 V -3'
#
# COMPACT_ATOMS: atom_id res chain seq x y z
N ASN A 5 28.43 -26.60 -15.50
CA ASN A 5 28.91 -25.19 -15.76
C ASN A 5 30.35 -24.96 -15.30
N SER A 6 31.17 -25.99 -15.46
CA SER A 6 32.58 -25.87 -15.07
C SER A 6 33.31 -24.80 -15.90
N LYS A 7 32.88 -24.60 -17.14
CA LYS A 7 33.48 -23.59 -18.02
C LYS A 7 32.43 -22.63 -18.58
N PRO A 8 32.83 -21.37 -18.87
CA PRO A 8 31.91 -20.37 -19.44
C PRO A 8 31.24 -20.80 -20.72
N ASN A 9 29.95 -20.49 -20.84
CA ASN A 9 29.22 -20.66 -22.09
C ASN A 9 29.80 -19.75 -23.17
N ASP A 10 29.50 -20.07 -24.42
CA ASP A 10 29.73 -19.13 -25.51
C ASP A 10 28.70 -18.02 -25.46
N TYR A 11 29.12 -16.77 -25.59
CA TYR A 11 28.22 -15.61 -25.48
C TYR A 11 27.61 -15.16 -26.81
N GLY A 12 27.87 -15.93 -27.86
CA GLY A 12 27.22 -15.72 -29.15
C GLY A 12 27.76 -14.52 -29.89
N THR A 13 26.88 -13.86 -30.65
CA THR A 13 27.26 -12.74 -31.51
C THR A 13 27.91 -11.62 -30.70
N LEU A 14 29.17 -11.33 -31.04
CA LEU A 14 29.93 -10.27 -30.39
C LEU A 14 29.56 -8.89 -30.95
N GLN A 19 31.70 3.28 -27.95
CA GLN A 19 32.29 4.22 -27.00
C GLN A 19 31.70 5.63 -27.15
N LYS A 20 31.05 6.11 -26.09
CA LYS A 20 30.35 7.40 -26.12
C LYS A 20 30.28 8.02 -24.73
N LEU A 21 30.82 9.23 -24.63
CA LEU A 21 30.90 9.94 -23.37
C LEU A 21 29.59 10.68 -23.09
N PHE A 22 28.98 10.37 -21.94
CA PHE A 22 27.74 11.03 -21.55
C PHE A 22 28.05 12.37 -20.88
N ASN A 23 27.04 13.26 -20.85
CA ASN A 23 27.22 14.57 -20.20
C ASN A 23 27.18 14.32 -18.70
N ASN A 24 27.79 15.23 -17.94
CA ASN A 24 27.79 15.13 -16.48
C ASN A 24 26.37 15.14 -15.89
N ALA A 25 26.12 14.24 -14.94
CA ALA A 25 24.80 14.12 -14.30
C ALA A 25 24.24 15.44 -13.79
N ASN A 26 25.13 16.35 -13.39
CA ASN A 26 24.71 17.66 -12.89
C ASN A 26 24.09 18.57 -13.93
N THR A 27 24.26 18.25 -15.20
CA THR A 27 23.73 19.08 -16.29
C THR A 27 22.35 18.59 -16.72
N LEU A 28 21.99 17.38 -16.27
CA LEU A 28 20.73 16.73 -16.62
C LEU A 28 19.48 17.44 -16.08
N LYS A 29 18.44 17.47 -16.90
CA LYS A 29 17.10 17.88 -16.48
C LYS A 29 16.46 16.78 -15.61
N THR A 30 16.00 17.14 -14.42
CA THR A 30 15.36 16.16 -13.49
C THR A 30 14.08 16.77 -12.93
N THR A 31 13.19 15.93 -12.41
CA THR A 31 11.89 16.42 -11.89
C THR A 31 12.05 17.04 -10.51
N THR A 32 13.03 16.54 -9.76
CA THR A 32 13.31 16.96 -8.39
C THR A 32 14.77 17.49 -8.33
N PRO A 33 15.17 18.09 -7.18
CA PRO A 33 16.57 18.52 -6.95
C PRO A 33 17.62 17.40 -6.94
N ILE A 34 17.18 16.14 -6.92
CA ILE A 34 18.09 15.02 -6.88
C ILE A 34 18.72 14.83 -8.26
N LYS A 35 20.03 15.02 -8.30
CA LYS A 35 20.81 14.79 -9.51
C LYS A 35 21.57 13.46 -9.45
N HIS A 36 21.62 12.87 -8.26
CA HIS A 36 22.32 11.61 -8.05
C HIS A 36 21.56 10.73 -7.08
N VAL A 37 21.20 9.52 -7.50
CA VAL A 37 20.66 8.52 -6.60
C VAL A 37 21.69 7.41 -6.43
N VAL A 38 21.89 7.00 -5.17
CA VAL A 38 22.82 5.90 -4.86
C VAL A 38 22.00 4.83 -4.16
N ILE A 39 21.94 3.65 -4.77
CA ILE A 39 21.10 2.60 -4.22
C ILE A 39 22.01 1.53 -3.62
N ILE A 40 22.05 1.48 -2.28
CA ILE A 40 22.88 0.53 -1.53
C ILE A 40 22.03 -0.70 -1.26
N PHE A 41 22.31 -1.76 -2.01
CA PHE A 41 21.43 -2.93 -2.02
C PHE A 41 21.95 -4.03 -1.10
N GLN A 42 21.49 -4.02 0.16
CA GLN A 42 21.97 -4.95 1.17
C GLN A 42 21.20 -6.28 1.12
N GLU A 43 21.63 -7.26 1.92
CA GLU A 43 21.11 -8.63 1.82
C GLU A 43 20.39 -9.11 3.06
N ASN A 44 19.23 -9.72 2.85
CA ASN A 44 18.78 -10.79 3.72
C ASN A 44 18.45 -10.41 5.15
N ASN A 45 17.59 -9.42 5.30
CA ASN A 45 17.04 -9.10 6.62
C ASN A 45 15.63 -8.59 6.46
N SER A 46 14.71 -9.09 7.28
CA SER A 46 13.32 -8.62 7.19
C SER A 46 13.18 -7.29 7.92
N PHE A 47 12.07 -6.60 7.68
CA PHE A 47 11.83 -5.38 8.45
C PHE A 47 11.85 -5.66 9.97
N ASP A 48 11.11 -6.66 10.43
CA ASP A 48 11.01 -6.88 11.88
C ASP A 48 12.35 -7.24 12.48
N ARG A 49 13.20 -7.92 11.70
CA ARG A 49 14.46 -8.38 12.26
C ARG A 49 15.33 -7.18 12.58
N TYR A 50 15.31 -6.18 11.71
CA TYR A 50 16.19 -5.02 11.89
C TYR A 50 15.51 -3.85 12.60
N PHE A 51 14.20 -3.67 12.40
CA PHE A 51 13.49 -2.48 12.91
C PHE A 51 12.21 -2.77 13.71
N GLY A 52 11.84 -4.05 13.86
CA GLY A 52 10.66 -4.43 14.65
C GLY A 52 10.64 -3.87 16.06
N MET A 53 11.82 -3.77 16.67
CA MET A 53 11.97 -3.26 18.04
C MET A 53 12.27 -1.75 18.12
N TYR A 54 12.45 -1.10 16.96
CA TYR A 54 12.71 0.34 16.85
C TYR A 54 11.60 1.18 17.49
N PRO A 55 11.96 2.22 18.26
CA PRO A 55 13.30 2.70 18.64
C PRO A 55 13.78 2.30 20.06
N ASN A 56 13.46 1.08 20.50
CA ASN A 56 13.75 0.64 21.87
C ASN A 56 14.87 -0.39 21.93
N ALA A 57 16.01 0.04 22.46
CA ALA A 57 17.17 -0.83 22.64
C ALA A 57 17.38 -1.21 24.09
N LYS A 58 18.00 -2.37 24.32
CA LYS A 58 18.27 -2.89 25.67
C LYS A 58 19.35 -2.09 26.42
N ASN A 59 20.34 -1.62 25.67
CA ASN A 59 21.49 -0.91 26.24
C ASN A 59 22.19 -1.65 27.40
N PRO A 60 22.59 -2.92 27.18
CA PRO A 60 23.43 -3.56 28.21
C PRO A 60 24.80 -2.91 28.25
N GLU A 61 25.46 -2.96 29.40
CA GLU A 61 26.74 -2.29 29.61
C GLU A 61 27.76 -2.67 28.55
N GLY A 62 28.48 -1.67 28.04
CA GLY A 62 29.55 -1.91 27.08
C GLY A 62 29.15 -1.93 25.61
N GLU A 63 27.87 -2.11 25.33
CA GLU A 63 27.41 -2.13 23.92
C GLU A 63 27.08 -0.71 23.47
N PRO A 64 27.22 -0.41 22.16
CA PRO A 64 26.95 0.96 21.70
C PRO A 64 25.53 1.42 22.11
N LYS A 65 25.45 2.55 22.82
CA LYS A 65 24.16 3.00 23.38
C LYS A 65 23.24 3.71 22.38
N PHE A 66 21.94 3.36 22.40
CA PHE A 66 20.86 4.00 21.62
C PHE A 66 19.82 4.30 22.71
N VAL A 67 19.58 5.55 23.06
CA VAL A 67 18.30 6.29 23.06
C VAL A 67 17.64 7.11 21.95
N ALA A 68 16.33 6.87 21.79
CA ALA A 68 15.49 7.55 20.82
C ALA A 68 15.34 9.02 21.14
N LYS A 69 15.33 9.81 20.07
CA LYS A 69 15.01 11.22 20.13
C LYS A 69 13.56 11.42 20.51
N GLU A 70 13.28 12.58 21.11
CA GLU A 70 11.93 13.09 21.30
C GLU A 70 11.17 13.07 19.97
N ASN A 71 9.91 12.66 20.03
CA ASN A 71 9.01 12.67 18.86
C ASN A 71 9.44 11.71 17.74
N THR A 72 10.14 10.63 18.08
CA THR A 72 10.37 9.54 17.12
C THR A 72 9.04 8.88 16.78
N PRO A 73 8.69 8.83 15.48
CA PRO A 73 7.43 8.22 15.05
C PRO A 73 7.46 6.71 15.33
N ASN A 74 6.28 6.13 15.46
CA ASN A 74 6.20 4.70 15.63
C ASN A 74 6.22 3.98 14.30
N VAL A 75 6.77 2.77 14.32
CA VAL A 75 6.79 1.88 13.16
C VAL A 75 5.79 0.77 13.40
N ASN A 76 5.33 0.17 12.30
CA ASN A 76 4.56 -1.06 12.35
C ASN A 76 5.50 -2.23 12.71
N GLY A 77 5.80 -2.34 14.01
CA GLY A 77 6.81 -3.32 14.47
C GLY A 77 6.23 -4.34 15.43
N LEU A 78 7.10 -4.84 16.32
CA LEU A 78 6.77 -5.92 17.24
C LEU A 78 6.14 -5.39 18.53
N THR A 79 4.84 -5.62 18.66
CA THR A 79 4.05 -5.13 19.78
C THR A 79 4.23 -6.06 20.98
N LYS A 80 3.80 -5.62 22.16
CA LYS A 80 3.72 -6.49 23.34
C LYS A 80 3.09 -7.85 22.97
N GLN A 81 2.00 -7.82 22.22
CA GLN A 81 1.29 -9.06 21.84
C GLN A 81 2.10 -9.98 20.92
N LEU A 82 2.74 -9.39 19.91
CA LEU A 82 3.58 -10.16 19.00
C LEU A 82 4.82 -10.70 19.71
N LEU A 83 5.28 -9.97 20.73
CA LEU A 83 6.45 -10.39 21.52
C LEU A 83 6.16 -11.50 22.52
N GLU A 84 4.96 -11.48 23.11
CA GLU A 84 4.65 -12.38 24.23
C GLU A 84 3.75 -13.53 23.88
N ASN A 85 2.95 -13.36 22.82
CA ASN A 85 1.93 -14.31 22.42
C ASN A 85 1.95 -14.47 20.90
N ASN A 86 3.16 -14.65 20.37
CA ASN A 86 3.33 -14.80 18.94
C ASN A 86 2.65 -16.07 18.42
N PRO A 87 2.05 -16.00 17.21
CA PRO A 87 1.44 -17.20 16.59
C PRO A 87 2.42 -18.34 16.27
N ASN A 88 3.71 -18.03 16.15
CA ASN A 88 4.73 -19.06 15.89
C ASN A 88 5.04 -19.89 17.14
N THR A 89 5.68 -21.04 16.94
CA THR A 89 6.00 -21.95 18.05
C THR A 89 7.09 -21.41 18.97
N LYS A 90 7.75 -20.34 18.53
CA LYS A 90 8.72 -19.62 19.34
C LYS A 90 8.43 -18.14 19.21
N ASN A 91 8.48 -17.41 20.33
CA ASN A 91 8.33 -15.95 20.33
C ASN A 91 9.56 -15.25 19.79
N PRO A 92 9.38 -14.05 19.20
CA PRO A 92 10.51 -13.20 18.87
C PRO A 92 11.40 -13.03 20.10
N TYR A 93 12.72 -12.94 19.89
CA TYR A 93 13.68 -12.80 20.98
C TYR A 93 14.89 -12.01 20.48
N ARG A 94 15.57 -11.31 21.40
CA ARG A 94 16.67 -10.42 21.02
C ARG A 94 17.94 -11.20 20.77
N LEU A 95 18.49 -10.99 19.58
CA LEU A 95 19.76 -11.54 19.20
C LEU A 95 20.84 -10.64 19.71
N ASP A 96 21.96 -11.27 20.03
CA ASP A 96 23.13 -10.60 20.52
C ASP A 96 24.04 -10.22 19.36
N ARG A 97 24.77 -9.13 19.58
CA ARG A 97 25.86 -8.61 18.77
C ARG A 97 26.98 -9.62 18.50
N ASN A 98 27.17 -10.53 19.46
CA ASN A 98 28.43 -11.23 19.65
C ASN A 98 28.60 -12.61 19.01
N PHE A 99 27.65 -13.00 18.15
CA PHE A 99 27.72 -14.32 17.53
C PHE A 99 27.43 -14.18 16.04
N GLN A 100 27.97 -15.11 15.26
CA GLN A 100 27.74 -15.17 13.82
C GLN A 100 26.32 -15.65 13.54
N PRO A 101 25.45 -14.75 13.02
CA PRO A 101 24.08 -15.19 12.74
C PRO A 101 24.07 -16.23 11.62
N CYS A 102 23.18 -17.20 11.69
CA CYS A 102 22.99 -18.14 10.58
C CYS A 102 22.16 -17.53 9.47
N SER A 103 22.20 -18.15 8.29
CA SER A 103 21.26 -17.82 7.21
C SER A 103 20.06 -18.79 7.22
N GLN A 104 18.87 -18.19 7.25
CA GLN A 104 17.60 -18.90 7.24
C GLN A 104 17.22 -19.28 5.81
N ASN A 105 16.11 -19.99 5.64
CA ASN A 105 15.62 -20.43 4.33
C ASN A 105 14.77 -19.34 3.66
N HIS A 106 15.28 -18.78 2.55
CA HIS A 106 14.57 -17.71 1.80
C HIS A 106 14.09 -18.22 0.44
N GLU A 107 13.87 -19.52 0.36
CA GLU A 107 13.28 -20.09 -0.84
C GLU A 107 11.86 -19.55 -1.07
N TYR A 108 11.52 -19.35 -2.34
CA TYR A 108 10.19 -18.89 -2.78
C TYR A 108 9.06 -19.66 -2.10
N HIS A 109 9.02 -20.98 -2.29
CA HIS A 109 7.92 -21.77 -1.72
C HIS A 109 7.93 -21.89 -0.20
N GLN A 110 9.12 -21.96 0.39
CA GLN A 110 9.19 -22.11 1.85
C GLN A 110 8.69 -20.84 2.52
N GLU A 111 9.01 -19.68 1.96
CA GLU A 111 8.54 -18.40 2.49
C GLU A 111 7.03 -18.29 2.46
N ILE A 112 6.43 -18.73 1.35
CA ILE A 112 4.97 -18.75 1.23
C ILE A 112 4.37 -19.67 2.30
N SER A 113 5.01 -20.82 2.53
CA SER A 113 4.59 -21.74 3.59
C SER A 113 4.67 -21.13 5.01
N SER A 114 5.70 -20.33 5.30
CA SER A 114 5.77 -19.61 6.59
C SER A 114 4.57 -18.69 6.80
N PHE A 115 4.21 -17.95 5.76
CA PHE A 115 3.06 -17.03 5.81
C PHE A 115 1.76 -17.79 6.09
N ASN A 116 1.70 -19.04 5.63
CA ASN A 116 0.64 -19.98 5.94
C ASN A 116 -0.76 -19.38 5.80
N GLY A 117 -1.05 -18.84 4.62
CA GLY A 117 -2.39 -18.36 4.28
C GLY A 117 -2.86 -17.17 5.11
N GLY A 118 -1.92 -16.45 5.72
CA GLY A 118 -2.24 -15.26 6.50
C GLY A 118 -2.09 -15.46 8.00
N LEU A 119 -1.97 -16.71 8.44
CA LEU A 119 -1.72 -17.00 9.85
C LEU A 119 -0.35 -16.53 10.33
N MET A 120 0.62 -16.44 9.40
CA MET A 120 1.98 -15.92 9.68
C MET A 120 2.63 -16.68 10.85
N ASN A 121 2.39 -17.98 10.89
CA ASN A 121 2.65 -18.78 12.09
C ASN A 121 3.50 -20.05 11.90
N LYS A 122 4.10 -20.20 10.72
CA LYS A 122 4.91 -21.39 10.40
C LYS A 122 6.39 -21.06 10.06
N PHE A 123 6.87 -19.96 10.61
CA PHE A 123 8.25 -19.54 10.37
C PHE A 123 9.28 -20.50 10.96
N VAL A 124 9.03 -21.03 12.15
CA VAL A 124 9.97 -22.00 12.71
C VAL A 124 10.01 -23.21 11.79
N GLU A 125 8.85 -23.60 11.28
CA GLU A 125 8.77 -24.79 10.42
C GLU A 125 9.43 -24.59 9.06
N HIS A 126 9.31 -23.40 8.47
CA HIS A 126 9.71 -23.22 7.09
C HIS A 126 10.86 -22.23 6.90
N GLY A 127 11.17 -21.47 7.94
CA GLY A 127 12.26 -20.47 7.87
C GLY A 127 13.61 -21.10 8.18
N GLY A 128 13.59 -22.28 8.80
CA GLY A 128 14.80 -23.04 9.08
C GLY A 128 15.27 -23.91 7.94
N HIS A 129 16.40 -24.60 8.14
CA HIS A 129 16.87 -25.60 7.20
C HIS A 129 16.83 -26.96 7.89
N ASP A 130 16.34 -27.98 7.18
CA ASP A 130 16.24 -29.35 7.72
C ASP A 130 17.55 -30.10 7.51
N ASN A 131 18.40 -29.98 8.52
CA ASN A 131 19.84 -29.98 8.36
C ASN A 131 20.44 -30.10 9.75
N ASP A 132 21.51 -30.87 9.88
CA ASP A 132 21.94 -31.39 11.18
C ASP A 132 22.25 -30.45 12.37
N THR A 133 23.33 -29.66 12.42
CA THR A 133 23.99 -28.86 11.37
C THR A 133 23.31 -27.49 11.51
N TYR A 134 22.18 -27.29 10.86
CA TYR A 134 21.36 -26.10 11.12
C TYR A 134 20.69 -26.24 12.48
N LYS A 135 20.07 -27.40 12.73
CA LYS A 135 19.38 -27.67 13.99
C LYS A 135 20.29 -27.41 15.21
N GLN A 136 21.55 -27.82 15.13
CA GLN A 136 22.45 -27.69 16.28
C GLN A 136 23.08 -26.30 16.43
N ASN A 137 23.27 -25.61 15.30
CA ASN A 137 23.95 -24.31 15.32
C ASN A 137 23.03 -23.11 15.28
N CYS A 138 21.81 -23.31 14.77
CA CYS A 138 20.96 -22.18 14.35
C CYS A 138 19.55 -22.18 14.92
N ASP A 139 19.16 -23.24 15.61
CA ASP A 139 17.78 -23.37 16.06
C ASP A 139 17.15 -22.09 16.59
N GLY A 140 16.01 -21.73 16.01
CA GLY A 140 15.21 -20.62 16.47
C GLY A 140 15.54 -19.26 15.90
N GLN A 141 16.64 -19.14 15.14
CA GLN A 141 17.11 -17.84 14.71
C GLN A 141 16.16 -17.12 13.74
N VAL A 142 15.24 -17.88 13.13
CA VAL A 142 14.22 -17.25 12.27
C VAL A 142 13.42 -16.21 13.07
N MET A 143 13.29 -16.43 14.37
CA MET A 143 12.50 -15.51 15.24
C MET A 143 13.34 -14.40 15.89
N GLY A 144 14.65 -14.42 15.66
CA GLY A 144 15.55 -13.42 16.26
C GLY A 144 15.31 -12.02 15.72
N TYR A 145 15.48 -11.02 16.57
CA TYR A 145 15.53 -9.63 16.14
C TYR A 145 16.72 -8.93 16.75
N TYR A 146 17.23 -7.94 16.02
CA TYR A 146 18.28 -7.09 16.51
C TYR A 146 17.71 -5.75 17.04
N ASP A 147 18.45 -5.09 17.89
CA ASP A 147 18.08 -3.71 18.25
C ASP A 147 19.25 -2.74 18.02
N GLY A 148 19.11 -1.51 18.48
CA GLY A 148 20.08 -0.45 18.23
C GLY A 148 21.47 -0.65 18.83
N ASN A 149 21.63 -1.68 19.66
CA ASN A 149 22.92 -2.07 20.21
C ASN A 149 23.72 -2.92 19.23
N THR A 150 23.06 -3.37 18.18
CA THR A 150 23.72 -4.19 17.16
C THR A 150 23.68 -3.44 15.82
N VAL A 151 22.48 -3.11 15.36
CA VAL A 151 22.30 -2.36 14.11
C VAL A 151 22.28 -0.86 14.43
N THR A 152 23.35 -0.41 15.08
CA THR A 152 23.39 0.94 15.65
C THR A 152 23.33 2.02 14.56
N ALA A 153 24.19 1.87 13.55
CA ALA A 153 24.18 2.77 12.40
C ALA A 153 22.82 2.86 11.73
N LEU A 154 22.20 1.72 11.42
CA LEU A 154 20.90 1.74 10.75
C LEU A 154 19.84 2.47 11.59
N TRP A 155 19.83 2.22 12.90
CA TRP A 155 18.87 2.91 13.79
C TRP A 155 19.16 4.41 13.83
N ASN A 156 20.43 4.79 13.84
CA ASN A 156 20.82 6.21 13.81
C ASN A 156 20.52 6.88 12.45
N TYR A 157 20.64 6.15 11.35
CA TYR A 157 20.12 6.68 10.06
C TYR A 157 18.63 6.97 10.11
N ALA A 158 17.84 6.03 10.64
CA ALA A 158 16.39 6.28 10.82
C ALA A 158 16.08 7.50 11.71
N GLN A 159 16.88 7.67 12.77
CA GLN A 159 16.71 8.79 13.69
C GLN A 159 17.01 10.17 13.08
N ASN A 160 17.74 10.16 11.95
CA ASN A 160 18.23 11.42 11.37
C ASN A 160 17.75 11.65 9.93
N PHE A 161 17.12 10.63 9.36
CA PHE A 161 16.63 10.64 7.99
C PHE A 161 15.27 9.93 7.92
N ALA A 162 14.98 9.28 6.80
CA ALA A 162 13.66 8.67 6.56
C ALA A 162 13.72 7.14 6.46
N LEU A 163 12.70 6.51 7.00
CA LEU A 163 12.57 5.05 7.01
C LEU A 163 11.18 4.74 6.48
N ASN A 164 11.04 3.67 5.72
CA ASN A 164 9.72 3.22 5.30
C ASN A 164 9.42 1.84 5.93
N ASP A 165 8.26 1.71 6.59
CA ASP A 165 7.85 0.45 7.27
C ASP A 165 6.74 -0.31 6.56
N ASN A 166 6.60 -0.03 5.26
CA ASN A 166 5.59 -0.65 4.40
C ASN A 166 6.18 -0.97 3.02
N THR A 167 7.43 -1.44 3.02
CA THR A 167 8.15 -1.80 1.80
C THR A 167 8.38 -3.32 1.68
N PHE A 168 8.03 -3.91 0.54
CA PHE A 168 8.06 -5.37 0.39
C PHE A 168 8.90 -5.82 -0.78
N GLY A 169 9.39 -7.05 -0.70
CA GLY A 169 9.95 -7.73 -1.89
C GLY A 169 8.89 -7.77 -3.00
N THR A 170 9.31 -7.53 -4.24
CA THR A 170 8.35 -7.54 -5.34
C THR A 170 7.72 -8.95 -5.49
N THR A 171 8.53 -9.98 -5.29
CA THR A 171 8.00 -11.36 -5.23
C THR A 171 8.44 -11.96 -3.90
N PHE A 172 7.89 -13.13 -3.56
CA PHE A 172 8.54 -13.99 -2.57
C PHE A 172 9.90 -14.41 -3.10
N GLY A 173 10.72 -14.99 -2.24
CA GLY A 173 11.90 -15.69 -2.69
C GLY A 173 13.22 -14.96 -2.42
N PRO A 174 14.31 -15.53 -2.93
CA PRO A 174 15.68 -15.15 -2.57
C PRO A 174 16.29 -14.00 -3.36
N SER A 175 17.62 -14.03 -3.48
CA SER A 175 18.41 -12.85 -3.92
C SER A 175 18.25 -12.46 -5.38
N THR A 176 18.29 -13.46 -6.26
CA THR A 176 18.21 -13.19 -7.70
C THR A 176 16.86 -12.55 -8.11
N PRO A 177 15.73 -13.13 -7.67
CA PRO A 177 14.48 -12.42 -7.92
C PRO A 177 14.49 -11.00 -7.38
N GLY A 178 15.04 -10.77 -6.17
CA GLY A 178 15.12 -9.42 -5.62
C GLY A 178 15.92 -8.46 -6.49
N ALA A 179 17.10 -8.90 -6.96
CA ALA A 179 17.97 -8.07 -7.79
C ALA A 179 17.32 -7.76 -9.15
N LEU A 180 16.74 -8.77 -9.78
CA LEU A 180 16.01 -8.56 -11.06
C LEU A 180 14.83 -7.61 -10.85
N ASN A 181 14.07 -7.85 -9.77
CA ASN A 181 12.95 -6.95 -9.45
C ASN A 181 13.36 -5.50 -9.18
N LEU A 182 14.54 -5.31 -8.59
CA LEU A 182 15.05 -3.96 -8.32
C LEU A 182 15.29 -3.16 -9.62
N VAL A 183 15.86 -3.84 -10.62
CA VAL A 183 16.31 -3.14 -11.85
C VAL A 183 15.33 -3.20 -13.03
N ALA A 184 14.36 -4.12 -12.94
CA ALA A 184 13.37 -4.31 -14.01
C ALA A 184 11.93 -4.35 -13.52
N GLY A 185 11.73 -4.55 -12.22
CA GLY A 185 10.39 -4.85 -11.69
C GLY A 185 9.80 -6.13 -12.21
N ALA A 186 10.66 -7.03 -12.69
CA ALA A 186 10.21 -8.32 -13.22
C ALA A 186 11.36 -9.33 -13.04
N ASN A 187 10.99 -10.60 -12.89
CA ASN A 187 11.96 -11.68 -12.69
C ASN A 187 12.01 -12.64 -13.89
N GLY A 188 11.66 -12.10 -15.05
CA GLY A 188 11.63 -12.85 -16.29
C GLY A 188 10.92 -12.01 -17.35
N PRO A 189 10.58 -12.62 -18.49
CA PRO A 189 10.74 -14.05 -18.84
C PRO A 189 12.19 -14.48 -18.90
N ALA A 190 12.48 -15.72 -18.50
CA ALA A 190 13.87 -16.17 -18.41
C ALA A 190 13.98 -17.60 -18.88
N MET A 191 15.16 -17.99 -19.33
CA MET A 191 15.44 -19.37 -19.70
C MET A 191 16.80 -19.81 -19.15
N SER A 192 16.91 -21.10 -18.82
CA SER A 192 18.19 -21.68 -18.43
C SER A 192 18.52 -22.89 -19.32
N PRO A 193 19.80 -23.02 -19.74
CA PRO A 193 20.23 -24.20 -20.51
C PRO A 193 19.93 -25.50 -19.76
N SER A 194 19.81 -25.42 -18.44
CA SER A 194 19.55 -26.59 -17.61
C SER A 194 18.07 -26.90 -17.45
N GLY A 195 17.23 -26.06 -18.06
CA GLY A 195 15.77 -26.15 -17.83
C GLY A 195 15.39 -25.56 -16.47
N ASN A 196 14.16 -25.82 -16.01
CA ASN A 196 13.67 -25.18 -14.77
C ASN A 196 14.49 -25.51 -13.54
N LEU A 197 14.84 -26.80 -13.41
CA LEU A 197 15.26 -27.33 -12.11
C LEU A 197 14.34 -26.72 -11.03
N GLU A 198 14.88 -26.24 -9.91
CA GLU A 198 14.06 -25.57 -8.92
C GLU A 198 14.31 -24.06 -8.97
N ASN A 199 14.85 -23.60 -10.10
CA ASN A 199 15.23 -22.19 -10.30
C ASN A 199 14.17 -21.30 -10.97
N ILE A 200 13.41 -21.91 -11.86
CA ILE A 200 12.46 -21.21 -12.72
C ILE A 200 11.09 -21.92 -12.68
N GLU A 201 10.02 -21.12 -12.63
CA GLU A 201 8.65 -21.63 -12.89
C GLU A 201 7.98 -20.72 -13.91
N ASN A 202 7.36 -21.31 -14.94
CA ASN A 202 6.61 -20.52 -15.91
C ASN A 202 7.46 -19.40 -16.51
N ASN A 203 8.74 -19.71 -16.74
CA ASN A 203 9.75 -18.75 -17.24
C ASN A 203 10.02 -17.52 -16.38
N TYR A 204 9.70 -17.61 -15.09
CA TYR A 204 10.11 -16.59 -14.11
C TYR A 204 11.07 -17.21 -13.12
N ILE A 205 12.16 -16.50 -12.83
CA ILE A 205 13.18 -16.98 -11.91
C ILE A 205 12.72 -16.85 -10.45
N ILE A 206 12.59 -18.00 -9.79
CA ILE A 206 12.18 -18.07 -8.38
C ILE A 206 13.28 -18.46 -7.39
N ASP A 207 14.45 -18.88 -7.88
CA ASP A 207 15.60 -19.11 -6.98
C ASP A 207 16.85 -18.40 -7.52
N ASP A 208 18.04 -19.00 -7.36
CA ASP A 208 19.30 -18.29 -7.62
C ASP A 208 20.17 -18.91 -8.71
N PRO A 209 19.65 -19.05 -9.94
CA PRO A 209 20.59 -19.41 -11.00
C PRO A 209 21.54 -18.25 -11.22
N ASN A 210 22.78 -18.55 -11.56
CA ASN A 210 23.79 -17.51 -11.84
C ASN A 210 23.50 -16.81 -13.16
N PRO A 211 24.02 -15.60 -13.36
CA PRO A 211 23.82 -14.96 -14.65
C PRO A 211 24.54 -15.69 -15.79
N TYR A 212 23.87 -15.83 -16.94
CA TYR A 212 24.52 -16.43 -18.10
C TYR A 212 25.77 -15.65 -18.56
N TYR A 213 25.64 -14.32 -18.65
CA TYR A 213 26.65 -13.46 -19.24
C TYR A 213 27.58 -12.92 -18.17
N ASP A 214 28.31 -13.85 -17.54
CA ASP A 214 29.25 -13.50 -16.49
C ASP A 214 30.31 -14.60 -16.38
N ASP A 215 31.55 -14.31 -16.80
CA ASP A 215 32.62 -15.30 -16.68
C ASP A 215 32.69 -15.90 -15.28
N CYS A 216 32.42 -15.07 -14.27
CA CYS A 216 32.64 -15.47 -12.88
C CYS A 216 31.51 -16.33 -12.28
N SER A 217 30.48 -16.56 -13.08
CA SER A 217 29.45 -17.56 -12.77
C SER A 217 29.97 -19.01 -12.80
N TYR A 218 31.00 -19.24 -13.60
CA TYR A 218 31.38 -20.60 -13.96
C TYR A 218 32.49 -21.14 -13.06
N GLY A 219 32.73 -22.46 -13.15
CA GLY A 219 33.55 -23.18 -12.19
C GLY A 219 35.01 -22.79 -12.25
N THR A 220 35.34 -22.04 -13.29
CA THR A 220 36.67 -21.47 -13.46
C THR A 220 37.01 -20.45 -12.36
N SER A 221 35.98 -19.83 -11.77
CA SER A 221 36.14 -18.91 -10.63
C SER A 221 35.67 -19.54 -9.33
N LYS A 222 36.33 -19.17 -8.23
CA LYS A 222 35.87 -19.58 -6.90
C LYS A 222 34.56 -18.90 -6.49
N SER A 223 34.22 -17.80 -7.16
CA SER A 223 32.90 -17.16 -7.01
C SER A 223 31.81 -17.94 -7.75
N GLY A 224 32.24 -18.79 -8.67
CA GLY A 224 31.33 -19.53 -9.52
C GLY A 224 31.08 -20.91 -8.96
N ASP A 225 30.27 -21.69 -9.66
CA ASP A 225 29.97 -23.04 -9.24
C ASP A 225 29.59 -23.86 -10.43
N THR A 226 30.31 -24.96 -10.62
CA THR A 226 30.07 -25.92 -11.69
C THR A 226 28.62 -26.45 -11.63
N ASN A 227 28.11 -26.64 -10.42
CA ASN A 227 26.82 -27.32 -10.23
C ASN A 227 25.62 -26.37 -10.13
N THR A 228 25.86 -25.08 -10.36
CA THR A 228 24.80 -24.07 -10.39
C THR A 228 24.45 -23.72 -11.84
N ALA A 229 23.15 -23.80 -12.14
CA ALA A 229 22.67 -23.49 -13.49
C ALA A 229 22.79 -22.00 -13.73
N VAL A 230 22.89 -21.60 -15.00
CA VAL A 230 22.84 -20.17 -15.35
C VAL A 230 21.51 -19.86 -16.01
N ALA A 231 21.13 -18.59 -16.04
CA ALA A 231 19.88 -18.18 -16.67
C ALA A 231 20.07 -16.81 -17.35
N LYS A 232 19.24 -16.53 -18.36
CA LYS A 232 19.22 -15.22 -19.00
C LYS A 232 17.77 -14.73 -19.12
N ILE A 233 17.62 -13.41 -19.18
CA ILE A 233 16.35 -12.79 -19.48
C ILE A 233 16.16 -12.72 -20.99
N THR A 234 15.00 -13.24 -21.44
CA THR A 234 14.75 -13.47 -22.87
C THR A 234 13.86 -12.42 -23.53
N ASP A 235 13.15 -11.63 -22.73
CA ASP A 235 12.34 -10.54 -23.26
C ASP A 235 12.18 -9.45 -22.21
N GLY A 236 11.96 -8.22 -22.67
CA GLY A 236 11.69 -7.11 -21.74
C GLY A 236 12.99 -6.44 -21.31
N TYR A 237 12.91 -5.14 -21.07
CA TYR A 237 14.10 -4.36 -20.72
C TYR A 237 14.25 -4.13 -19.22
N ASN A 238 15.48 -3.74 -18.84
CA ASN A 238 15.74 -3.19 -17.53
C ASN A 238 15.99 -1.68 -17.62
N ILE A 239 16.11 -1.02 -16.47
CA ILE A 239 16.29 0.44 -16.45
C ILE A 239 17.59 0.87 -17.14
N GLY A 240 18.59 -0.03 -17.12
CA GLY A 240 19.88 0.24 -17.75
C GLY A 240 19.75 0.51 -19.23
N HIS A 241 18.90 -0.30 -19.90
CA HIS A 241 18.59 -0.09 -21.32
CA HIS A 241 18.62 -0.06 -21.33
C HIS A 241 18.23 1.38 -21.60
N TYR A 242 17.36 1.93 -20.74
CA TYR A 242 16.81 3.27 -20.91
C TYR A 242 17.77 4.36 -20.51
N LEU A 243 18.52 4.10 -19.45
CA LEU A 243 19.50 5.09 -18.99
C LEU A 243 20.57 5.24 -20.07
N THR A 244 21.05 4.11 -20.61
CA THR A 244 22.03 4.13 -21.71
C THR A 244 21.51 4.86 -22.96
N GLN A 245 20.30 4.51 -23.40
CA GLN A 245 19.65 5.13 -24.56
CA GLN A 245 19.74 5.14 -24.60
C GLN A 245 19.57 6.66 -24.42
N LYS A 246 19.30 7.09 -23.19
CA LYS A 246 19.06 8.48 -22.86
C LYS A 246 20.36 9.25 -22.53
N GLY A 247 21.47 8.53 -22.41
CA GLY A 247 22.77 9.16 -22.11
C GLY A 247 22.83 9.67 -20.69
N ILE A 248 22.19 8.94 -19.79
CA ILE A 248 22.25 9.24 -18.37
C ILE A 248 23.32 8.36 -17.72
N THR A 249 24.31 8.98 -17.07
CA THR A 249 25.41 8.23 -16.45
C THR A 249 24.89 7.26 -15.37
N TRP A 250 25.35 6.01 -15.44
CA TRP A 250 24.89 5.00 -14.50
C TRP A 250 25.85 3.85 -14.39
N GLY A 251 25.80 3.14 -13.27
CA GLY A 251 26.55 1.90 -13.15
C GLY A 251 26.07 1.04 -12.01
N TRP A 252 26.42 -0.24 -12.08
CA TRP A 252 26.33 -1.19 -10.99
C TRP A 252 27.76 -1.38 -10.49
N PHE A 253 27.98 -1.12 -9.20
CA PHE A 253 29.33 -1.14 -8.62
C PHE A 253 29.36 -2.13 -7.49
N GLN A 254 30.15 -3.21 -7.64
CA GLN A 254 30.08 -4.32 -6.68
C GLN A 254 31.44 -4.77 -6.22
N GLY A 255 31.54 -5.10 -4.94
CA GLY A 255 32.80 -5.63 -4.41
C GLY A 255 33.14 -6.97 -5.07
N GLY A 256 34.44 -7.13 -5.40
CA GLY A 256 34.94 -8.36 -6.00
C GLY A 256 34.73 -8.47 -7.49
N PHE A 257 34.07 -7.49 -8.10
CA PHE A 257 33.88 -7.48 -9.56
C PHE A 257 35.24 -7.44 -10.31
N LYS A 258 36.21 -6.72 -9.78
CA LYS A 258 37.56 -6.70 -10.38
C LYS A 258 38.18 -8.11 -10.34
N PRO A 259 38.44 -8.71 -11.53
CA PRO A 259 39.01 -10.06 -11.53
C PRO A 259 40.37 -10.14 -10.85
N THR A 260 40.65 -11.26 -10.19
CA THR A 260 41.98 -11.49 -9.57
C THR A 260 42.99 -12.02 -10.58
N SER A 261 42.50 -12.58 -11.68
CA SER A 261 43.33 -13.06 -12.78
C SER A 261 42.47 -13.28 -14.02
N TYR A 262 43.13 -13.50 -15.15
CA TYR A 262 42.45 -13.89 -16.39
C TYR A 262 43.09 -15.17 -16.90
N SER A 263 42.25 -16.13 -17.29
CA SER A 263 42.69 -17.34 -17.98
C SER A 263 42.31 -17.18 -19.45
N GLY A 264 43.26 -16.73 -20.27
CA GLY A 264 42.93 -16.30 -21.63
C GLY A 264 42.03 -15.08 -21.53
N LYS A 265 40.88 -15.12 -22.19
CA LYS A 265 39.92 -14.02 -22.15
C LYS A 265 38.89 -14.17 -21.03
N THR A 266 38.97 -15.28 -20.29
CA THR A 266 38.04 -15.54 -19.19
C THR A 266 38.50 -14.86 -17.90
N ALA A 267 37.61 -14.02 -17.32
CA ALA A 267 37.90 -13.40 -16.04
C ALA A 267 37.79 -14.43 -14.92
N ILE A 268 38.68 -14.33 -13.94
CA ILE A 268 38.62 -15.15 -12.74
C ILE A 268 38.42 -14.25 -11.53
N CYS A 269 37.31 -14.46 -10.82
CA CYS A 269 36.96 -13.61 -9.68
C CYS A 269 37.17 -14.31 -8.35
N ASP A 270 38.43 -14.43 -7.91
CA ASP A 270 38.74 -15.23 -6.72
C ASP A 270 39.01 -14.42 -5.46
N ALA A 271 38.79 -13.11 -5.50
CA ALA A 271 38.97 -12.28 -4.31
C ALA A 271 38.16 -12.83 -3.13
N MET A 272 38.79 -12.86 -1.96
CA MET A 272 38.13 -13.36 -0.75
C MET A 272 38.42 -12.44 0.42
N SER A 273 37.51 -12.42 1.38
CA SER A 273 37.69 -11.69 2.65
C SER A 273 37.23 -12.55 3.84
N THR A 274 37.71 -12.19 5.02
CA THR A 274 37.34 -12.88 6.24
C THR A 274 36.54 -11.92 7.11
N ASN A 275 35.34 -12.34 7.51
CA ASN A 275 34.49 -11.48 8.34
C ASN A 275 34.96 -11.44 9.79
N LYS A 276 34.24 -10.70 10.65
CA LYS A 276 34.72 -10.50 12.04
C LYS A 276 34.67 -11.77 12.88
N PHE A 277 33.91 -12.76 12.43
CA PHE A 277 33.80 -14.04 13.12
C PHE A 277 34.68 -15.13 12.49
N GLY A 278 35.62 -14.73 11.63
CA GLY A 278 36.53 -15.67 10.97
C GLY A 278 35.99 -16.41 9.75
N VAL A 279 34.76 -16.10 9.32
CA VAL A 279 34.16 -16.80 8.16
C VAL A 279 34.69 -16.16 6.87
N LYS A 280 35.38 -16.96 6.06
CA LYS A 280 35.93 -16.53 4.78
C LYS A 280 34.92 -16.79 3.65
N SER A 281 34.80 -15.81 2.74
CA SER A 281 33.93 -15.96 1.57
C SER A 281 34.42 -15.16 0.36
N ARG A 282 33.94 -15.54 -0.82
CA ARG A 282 34.09 -14.80 -2.08
C ARG A 282 33.55 -13.38 -1.95
N ASP A 283 34.35 -12.37 -2.34
CA ASP A 283 33.85 -10.99 -2.40
C ASP A 283 32.75 -10.88 -3.44
N TYR A 284 32.96 -11.52 -4.59
CA TYR A 284 32.01 -11.39 -5.70
C TYR A 284 30.96 -12.46 -5.63
N ILE A 285 29.70 -12.05 -5.82
CA ILE A 285 28.59 -13.01 -5.85
C ILE A 285 27.83 -12.81 -7.16
N PRO A 286 28.12 -13.64 -8.17
CA PRO A 286 27.50 -13.46 -9.49
C PRO A 286 25.97 -13.35 -9.50
N HIS A 287 25.27 -14.19 -8.75
CA HIS A 287 23.80 -14.18 -8.78
C HIS A 287 23.17 -12.95 -8.09
N HIS A 288 24.04 -12.05 -7.60
CA HIS A 288 23.62 -10.76 -7.09
C HIS A 288 23.83 -9.63 -8.13
N GLU A 289 24.27 -9.98 -9.33
CA GLU A 289 24.58 -8.97 -10.38
C GLU A 289 23.49 -9.04 -11.45
N PRO A 290 22.41 -8.23 -11.31
CA PRO A 290 21.23 -8.45 -12.17
C PRO A 290 21.46 -8.07 -13.65
N PHE A 291 22.29 -7.07 -13.91
CA PHE A 291 22.50 -6.62 -15.30
C PHE A 291 23.14 -7.67 -16.19
N ASN A 292 23.87 -8.61 -15.59
CA ASN A 292 24.52 -9.70 -16.34
C ASN A 292 23.56 -10.82 -16.75
N TYR A 293 22.27 -10.68 -16.39
CA TYR A 293 21.26 -11.65 -16.83
C TYR A 293 20.72 -11.26 -18.20
N TRP A 294 20.96 -10.02 -18.62
CA TRP A 294 20.60 -9.58 -19.96
C TRP A 294 21.86 -9.44 -20.80
N LYS A 295 21.90 -10.10 -21.96
CA LYS A 295 23.04 -9.92 -22.87
C LYS A 295 23.35 -8.44 -23.07
N GLU A 296 22.31 -7.67 -23.37
CA GLU A 296 22.43 -6.23 -23.71
C GLU A 296 23.17 -5.40 -22.67
N THR A 297 22.92 -5.67 -21.38
CA THR A 297 23.48 -4.85 -20.28
C THR A 297 24.63 -5.53 -19.53
N SER A 298 25.19 -6.59 -20.13
CA SER A 298 26.17 -7.42 -19.43
C SER A 298 27.61 -7.00 -19.69
N ASN A 299 28.50 -7.39 -18.78
CA ASN A 299 29.93 -7.24 -18.96
C ASN A 299 30.54 -8.59 -18.58
N PRO A 300 30.40 -9.60 -19.46
CA PRO A 300 30.72 -10.97 -19.07
C PRO A 300 32.20 -11.18 -18.72
N HIS A 301 33.11 -10.46 -19.38
CA HIS A 301 34.56 -10.60 -19.10
C HIS A 301 35.09 -9.64 -18.03
N HIS A 302 34.16 -8.93 -17.38
CA HIS A 302 34.50 -7.99 -16.29
C HIS A 302 35.55 -6.98 -16.73
N LEU A 303 35.42 -6.49 -17.96
CA LEU A 303 36.36 -5.51 -18.50
C LEU A 303 36.29 -4.19 -17.74
N ALA A 304 37.46 -3.59 -17.56
CA ALA A 304 37.58 -2.31 -16.87
C ALA A 304 37.04 -1.15 -17.72
N PRO A 305 36.69 -0.02 -17.08
CA PRO A 305 36.42 1.17 -17.87
C PRO A 305 37.59 1.53 -18.80
N SER A 306 37.25 2.06 -19.97
CA SER A 306 38.25 2.50 -20.93
C SER A 306 39.11 3.60 -20.32
N ASP A 307 38.51 4.37 -19.41
CA ASP A 307 39.20 5.41 -18.65
C ASP A 307 38.31 5.82 -17.49
N ASP A 308 38.91 6.40 -16.45
CA ASP A 308 38.10 6.91 -15.31
C ASP A 308 37.01 7.89 -15.80
N LYS A 309 37.35 8.69 -16.81
CA LYS A 309 36.43 9.71 -17.34
C LYS A 309 35.17 9.06 -17.90
N TYR A 310 35.29 7.79 -18.28
CA TYR A 310 34.18 7.03 -18.87
C TYR A 310 33.32 6.24 -17.89
N ILE A 311 33.64 6.30 -16.60
CA ILE A 311 32.80 5.60 -15.61
C ILE A 311 31.40 6.20 -15.67
N GLY A 312 30.40 5.34 -15.86
CA GLY A 312 29.02 5.79 -16.01
C GLY A 312 28.56 5.98 -17.43
N SER A 313 29.51 6.16 -18.35
CA SER A 313 29.24 6.31 -19.78
C SER A 313 29.33 5.00 -20.53
N ASN A 314 29.30 5.07 -21.86
CA ASN A 314 29.30 3.89 -22.72
C ASN A 314 30.72 3.54 -23.17
N ASP A 315 31.15 2.32 -22.84
CA ASP A 315 32.40 1.75 -23.32
C ASP A 315 32.42 0.25 -23.00
N GLN A 316 33.57 -0.40 -23.15
CA GLN A 316 33.70 -1.85 -22.95
C GLN A 316 33.13 -2.38 -21.63
N ALA A 317 33.15 -1.55 -20.57
CA ALA A 317 32.65 -1.98 -19.23
C ALA A 317 31.15 -2.22 -19.23
N ASN A 318 30.46 -1.59 -20.17
CA ASN A 318 29.00 -1.64 -20.28
C ASN A 318 28.30 -1.40 -18.94
N HIS A 319 28.80 -0.40 -18.20
CA HIS A 319 28.18 0.08 -16.94
C HIS A 319 28.25 -0.90 -15.77
N GLN A 320 29.03 -1.97 -15.91
CA GLN A 320 29.25 -2.94 -14.82
C GLN A 320 30.66 -2.80 -14.25
N TYR A 321 30.75 -2.52 -12.95
CA TYR A 321 32.02 -2.05 -12.35
C TYR A 321 32.38 -2.70 -11.01
N ASP A 322 33.68 -2.77 -10.75
CA ASP A 322 34.17 -2.98 -9.38
C ASP A 322 33.78 -1.75 -8.56
N ILE A 323 33.49 -1.98 -7.28
CA ILE A 323 33.14 -0.89 -6.35
C ILE A 323 34.17 0.24 -6.37
N SER A 324 35.45 -0.10 -6.55
CA SER A 324 36.53 0.90 -6.62
C SER A 324 36.27 2.01 -7.64
N GLU A 325 35.54 1.70 -8.71
CA GLU A 325 35.29 2.68 -9.76
C GLU A 325 34.33 3.79 -9.30
N PHE A 326 33.39 3.46 -8.41
CA PHE A 326 32.51 4.46 -7.82
C PHE A 326 33.28 5.62 -7.17
N TRP A 327 34.21 5.28 -6.28
CA TRP A 327 35.00 6.31 -5.57
C TRP A 327 35.81 7.20 -6.50
N LYS A 328 36.35 6.61 -7.56
CA LYS A 328 37.07 7.37 -8.58
C LYS A 328 36.18 8.41 -9.23
N ALA A 329 34.99 7.97 -9.68
CA ALA A 329 33.98 8.84 -10.30
C ALA A 329 33.58 9.96 -9.35
N LEU A 330 33.34 9.61 -8.09
CA LEU A 330 33.01 10.56 -7.03
C LEU A 330 34.11 11.61 -6.85
N ASP A 331 35.33 11.13 -6.60
CA ASP A 331 36.47 12.02 -6.33
C ASP A 331 36.87 12.91 -7.51
N GLN A 332 36.49 12.52 -8.72
CA GLN A 332 36.84 13.27 -9.92
C GLN A 332 35.64 14.05 -10.48
N ASN A 333 34.64 14.28 -9.62
CA ASN A 333 33.48 15.11 -9.97
C ASN A 333 32.67 14.57 -11.14
N ASN A 334 32.65 13.24 -11.27
CA ASN A 334 31.89 12.56 -12.31
C ASN A 334 30.95 11.53 -11.68
N MET A 335 30.41 11.86 -10.51
CA MET A 335 29.42 10.98 -9.87
C MET A 335 28.31 10.61 -10.86
N PRO A 336 27.99 9.30 -11.00
CA PRO A 336 26.87 8.94 -11.87
C PRO A 336 25.53 9.54 -11.43
N ALA A 337 24.62 9.70 -12.39
CA ALA A 337 23.24 10.04 -12.06
C ALA A 337 22.63 8.89 -11.26
N VAL A 338 22.87 7.65 -11.70
CA VAL A 338 22.26 6.48 -11.04
C VAL A 338 23.36 5.47 -10.71
N SER A 339 23.56 5.18 -9.42
CA SER A 339 24.59 4.24 -8.97
C SER A 339 24.00 3.17 -8.06
N TYR A 340 24.26 1.92 -8.39
CA TYR A 340 23.94 0.80 -7.49
C TYR A 340 25.24 0.36 -6.82
N LEU A 341 25.22 0.31 -5.49
CA LEU A 341 26.37 -0.18 -4.74
C LEU A 341 26.05 -1.53 -4.10
N LYS A 342 26.93 -2.50 -4.33
CA LYS A 342 26.79 -3.85 -3.74
C LYS A 342 28.09 -4.19 -3.02
N ALA A 343 28.00 -4.44 -1.72
CA ALA A 343 29.16 -4.72 -0.88
C ALA A 343 29.88 -5.99 -1.33
N PRO A 344 31.19 -6.10 -0.99
CA PRO A 344 31.82 -7.42 -1.04
C PRO A 344 31.05 -8.35 -0.10
N GLY A 345 30.95 -9.64 -0.44
CA GLY A 345 30.07 -10.55 0.29
C GLY A 345 30.15 -10.40 1.81
N TYR A 346 31.37 -10.36 2.36
CA TYR A 346 31.50 -10.38 3.83
C TYR A 346 30.81 -9.22 4.54
N GLN A 347 30.49 -8.16 3.78
CA GLN A 347 29.86 -6.95 4.36
C GLN A 347 28.44 -6.72 3.85
N ASP A 348 27.88 -7.69 3.12
CA ASP A 348 26.58 -7.47 2.48
C ASP A 348 25.35 -7.62 3.43
N GLY A 349 25.58 -8.08 4.66
CA GLY A 349 24.51 -8.22 5.66
C GLY A 349 23.89 -9.62 5.75
N HIS A 350 24.19 -10.46 4.74
CA HIS A 350 23.64 -11.84 4.66
C HIS A 350 24.12 -12.71 5.81
N GLY A 351 23.19 -13.44 6.45
CA GLY A 351 23.57 -14.45 7.47
C GLY A 351 24.61 -15.45 7.00
N GLY A 352 25.24 -16.14 7.96
CA GLY A 352 26.24 -17.15 7.61
C GLY A 352 27.61 -16.59 7.28
N TYR A 353 27.70 -15.81 6.20
CA TYR A 353 29.02 -15.26 5.80
C TYR A 353 29.20 -13.75 6.08
N SER A 354 28.09 -13.04 6.34
CA SER A 354 28.17 -11.67 6.83
C SER A 354 27.43 -11.56 8.17
N ASN A 355 27.25 -10.33 8.64
CA ASN A 355 26.68 -10.08 9.96
C ASN A 355 26.46 -8.58 10.08
N PRO A 356 25.71 -8.13 11.11
CA PRO A 356 25.43 -6.68 11.24
C PRO A 356 26.65 -5.79 11.43
N LEU A 357 27.72 -6.34 12.02
CA LEU A 357 28.88 -5.53 12.36
C LEU A 357 29.78 -5.25 11.14
N ASP A 358 30.07 -6.28 10.35
CA ASP A 358 30.75 -6.07 9.06
C ASP A 358 29.90 -5.22 8.11
N GLU A 359 28.59 -5.50 8.09
CA GLU A 359 27.69 -4.70 7.26
C GLU A 359 27.74 -3.22 7.68
N GLN A 360 27.69 -3.01 8.99
CA GLN A 360 27.68 -1.65 9.56
C GLN A 360 28.97 -0.89 9.17
N GLU A 361 30.10 -1.59 9.20
CA GLU A 361 31.36 -0.99 8.79
C GLU A 361 31.30 -0.51 7.33
N TRP A 362 30.83 -1.38 6.44
CA TRP A 362 30.58 -1.04 5.04
C TRP A 362 29.62 0.15 4.93
N LEU A 363 28.49 0.11 5.62
CA LEU A 363 27.48 1.16 5.47
C LEU A 363 28.04 2.50 5.90
N VAL A 364 28.68 2.51 7.07
CA VAL A 364 29.18 3.76 7.63
C VAL A 364 30.31 4.37 6.77
N ASN A 365 31.29 3.56 6.41
CA ASN A 365 32.37 4.06 5.58
C ASN A 365 31.86 4.61 4.25
N THR A 366 30.93 3.88 3.64
CA THR A 366 30.32 4.26 2.36
C THR A 366 29.53 5.58 2.44
N ILE A 367 28.61 5.64 3.41
CA ILE A 367 27.72 6.77 3.59
C ILE A 367 28.46 8.00 4.12
N ASN A 368 29.38 7.81 5.07
CA ASN A 368 30.28 8.91 5.47
C ASN A 368 30.90 9.52 4.21
N ARG A 369 31.47 8.66 3.36
CA ARG A 369 32.27 9.12 2.22
C ARG A 369 31.46 9.87 1.16
N ILE A 370 30.24 9.39 0.87
CA ILE A 370 29.28 10.09 0.01
C ILE A 370 28.86 11.45 0.59
N GLN A 371 28.58 11.49 1.89
CA GLN A 371 28.23 12.75 2.57
C GLN A 371 29.35 13.79 2.52
N GLN A 372 30.61 13.32 2.52
CA GLN A 372 31.79 14.18 2.48
C GLN A 372 32.10 14.69 1.09
N SER A 373 31.47 14.13 0.06
CA SER A 373 31.76 14.50 -1.31
C SER A 373 31.05 15.78 -1.74
N LYS A 374 31.49 16.32 -2.86
CA LYS A 374 31.02 17.61 -3.37
C LYS A 374 29.57 17.59 -3.83
N ASP A 375 29.05 16.40 -4.09
CA ASP A 375 27.75 16.21 -4.72
C ASP A 375 26.67 15.71 -3.72
N TRP A 376 27.02 15.65 -2.44
CA TRP A 376 26.04 15.27 -1.39
C TRP A 376 24.81 16.19 -1.41
N ASP A 377 25.04 17.46 -1.74
CA ASP A 377 23.98 18.46 -1.79
C ASP A 377 22.85 18.09 -2.78
N SER A 378 23.18 17.31 -3.80
CA SER A 378 22.17 16.87 -4.78
C SER A 378 21.97 15.36 -4.78
N THR A 379 22.38 14.70 -3.69
CA THR A 379 22.28 13.22 -3.63
C THR A 379 21.13 12.69 -2.77
N ALA A 380 20.56 11.56 -3.19
CA ALA A 380 19.72 10.73 -2.33
C ALA A 380 20.32 9.33 -2.28
N ILE A 381 20.56 8.86 -1.05
CA ILE A 381 20.99 7.48 -0.83
C ILE A 381 19.81 6.65 -0.37
N ILE A 382 19.56 5.55 -1.06
CA ILE A 382 18.54 4.59 -0.64
C ILE A 382 19.24 3.35 -0.11
N ILE A 383 18.85 2.89 1.08
CA ILE A 383 19.26 1.60 1.56
C ILE A 383 18.00 0.75 1.44
N ILE A 384 18.11 -0.36 0.71
CA ILE A 384 16.99 -1.32 0.58
C ILE A 384 17.57 -2.74 0.51
N TYR A 385 16.79 -3.73 0.91
CA TYR A 385 17.26 -5.13 0.97
C TYR A 385 16.69 -5.96 -0.19
N ASP A 386 17.39 -7.03 -0.55
CA ASP A 386 16.99 -7.89 -1.67
C ASP A 386 15.92 -8.91 -1.29
N ASP A 387 16.00 -9.38 -0.05
CA ASP A 387 15.15 -10.44 0.46
C ASP A 387 15.29 -10.43 1.96
N SER A 388 14.44 -11.19 2.64
CA SER A 388 14.33 -11.16 4.10
C SER A 388 15.14 -12.25 4.80
N ASP A 389 15.86 -13.07 4.02
CA ASP A 389 16.51 -14.30 4.51
C ASP A 389 15.51 -15.43 4.84
N GLY A 390 14.21 -15.13 4.75
CA GLY A 390 13.16 -15.99 5.30
C GLY A 390 12.89 -15.71 6.77
N ASP A 391 13.48 -14.63 7.29
CA ASP A 391 13.35 -14.28 8.70
C ASP A 391 11.95 -13.83 9.04
N TYR A 392 11.59 -13.97 10.31
CA TYR A 392 10.27 -13.53 10.76
C TYR A 392 9.98 -12.06 10.42
N ASP A 393 8.80 -11.84 9.83
CA ASP A 393 8.15 -10.53 9.82
C ASP A 393 6.66 -10.76 9.96
N HIS A 394 5.97 -9.90 10.71
CA HIS A 394 4.55 -10.16 11.07
C HIS A 394 3.54 -9.78 9.97
N VAL A 395 4.01 -9.01 9.00
CA VAL A 395 3.11 -8.47 7.99
C VAL A 395 2.78 -9.43 6.84
N TYR A 396 1.50 -9.79 6.74
CA TYR A 396 0.97 -10.61 5.66
C TYR A 396 0.87 -9.69 4.46
N SER A 397 1.90 -9.75 3.62
CA SER A 397 2.06 -8.74 2.56
C SER A 397 0.87 -8.70 1.59
N PRO A 398 0.50 -7.49 1.13
CA PRO A 398 -0.61 -7.45 0.17
C PRO A 398 -0.17 -7.98 -1.20
N LYS A 399 -1.12 -8.24 -2.08
CA LYS A 399 -0.80 -8.85 -3.36
C LYS A 399 -0.29 -7.82 -4.34
N SER A 400 0.59 -8.26 -5.24
CA SER A 400 0.97 -7.45 -6.39
C SER A 400 0.02 -7.73 -7.54
N GLN A 401 0.10 -6.91 -8.57
CA GLN A 401 -0.76 -7.16 -9.74
C GLN A 401 -0.36 -8.40 -10.54
N PHE A 402 0.81 -8.95 -10.23
CA PHE A 402 1.29 -10.18 -10.87
C PHE A 402 1.11 -11.45 -10.05
N SER A 403 0.44 -11.34 -8.91
CA SER A 403 0.39 -12.43 -7.96
CA SER A 403 0.34 -12.41 -7.94
C SER A 403 -0.33 -13.69 -8.47
N ASP A 404 -1.21 -13.55 -9.47
CA ASP A 404 -1.89 -14.71 -10.07
C ASP A 404 -1.08 -15.37 -11.19
N ILE A 405 0.12 -14.84 -11.46
CA ILE A 405 0.97 -15.43 -12.49
CA ILE A 405 0.98 -15.40 -12.49
C ILE A 405 1.98 -16.34 -11.84
N LYS A 406 2.01 -17.60 -12.29
CA LYS A 406 2.95 -18.56 -11.73
C LYS A 406 4.41 -18.07 -11.85
N GLY A 407 5.14 -18.15 -10.74
CA GLY A 407 6.54 -17.68 -10.67
C GLY A 407 6.64 -16.23 -10.23
N ARG A 408 5.49 -15.56 -10.08
CA ARG A 408 5.48 -14.14 -9.71
C ARG A 408 4.68 -13.83 -8.43
N GLN A 409 4.43 -14.85 -7.62
CA GLN A 409 3.72 -14.62 -6.37
C GLN A 409 4.36 -13.48 -5.54
N GLY A 410 3.53 -12.60 -5.02
CA GLY A 410 4.04 -11.46 -4.22
C GLY A 410 2.85 -10.59 -3.86
N TYR A 411 3.07 -9.52 -3.11
CA TYR A 411 4.42 -9.15 -2.64
C TYR A 411 4.99 -10.13 -1.62
N GLY A 412 6.32 -10.21 -1.57
CA GLY A 412 7.01 -11.07 -0.66
C GLY A 412 7.19 -10.37 0.67
N PRO A 413 8.02 -10.93 1.55
CA PRO A 413 8.26 -10.36 2.90
C PRO A 413 8.70 -8.90 2.93
N ARG A 414 8.36 -8.25 4.03
CA ARG A 414 8.62 -6.81 4.22
C ARG A 414 10.10 -6.62 4.55
N LEU A 415 10.66 -5.52 4.06
CA LEU A 415 12.11 -5.28 4.09
C LEU A 415 12.42 -3.90 4.66
N PRO A 416 13.63 -3.69 5.25
CA PRO A 416 14.03 -2.33 5.60
C PRO A 416 14.25 -1.46 4.35
N MET A 417 13.86 -0.21 4.49
CA MET A 417 14.03 0.77 3.41
CA MET A 417 13.96 0.77 3.40
C MET A 417 14.25 2.13 4.06
N LEU A 418 15.35 2.77 3.64
CA LEU A 418 15.76 4.09 4.13
C LEU A 418 16.16 5.02 3.00
N VAL A 419 15.92 6.31 3.20
CA VAL A 419 16.34 7.36 2.30
C VAL A 419 17.14 8.37 3.12
N ILE A 420 18.40 8.54 2.70
CA ILE A 420 19.37 9.38 3.38
C ILE A 420 19.82 10.47 2.39
N SER A 421 19.55 11.72 2.73
CA SER A 421 19.61 12.81 1.78
C SER A 421 19.49 14.14 2.53
N PRO A 422 20.08 15.23 1.99
CA PRO A 422 19.81 16.56 2.57
C PRO A 422 18.35 16.97 2.34
N TYR A 423 17.67 16.20 1.50
CA TYR A 423 16.27 16.43 1.20
C TYR A 423 15.33 15.47 1.91
N ALA A 424 15.89 14.48 2.61
CA ALA A 424 15.10 13.51 3.35
C ALA A 424 14.46 14.18 4.58
N LYS A 425 13.18 13.87 4.80
CA LYS A 425 12.51 14.21 6.06
C LYS A 425 13.30 13.55 7.18
N ALA A 426 13.52 14.27 8.29
CA ALA A 426 14.39 13.79 9.35
C ALA A 426 13.61 13.10 10.47
N ASN A 427 14.03 11.91 10.86
CA ASN A 427 13.35 11.12 11.91
C ASN A 427 11.88 10.92 11.54
N TYR A 428 11.68 10.52 10.29
CA TYR A 428 10.35 10.39 9.69
C TYR A 428 10.11 8.96 9.24
N VAL A 429 8.95 8.40 9.59
CA VAL A 429 8.59 7.09 9.11
C VAL A 429 7.49 7.23 8.05
N ASP A 430 7.85 6.94 6.80
CA ASP A 430 6.88 6.92 5.72
C ASP A 430 6.17 5.57 5.74
N HIS A 431 4.84 5.61 5.70
CA HIS A 431 4.01 4.41 5.69
C HIS A 431 3.47 4.08 4.29
N SER A 432 3.90 4.83 3.29
CA SER A 432 3.46 4.52 1.92
C SER A 432 3.79 3.07 1.52
N LEU A 433 2.87 2.43 0.78
CA LEU A 433 3.12 1.07 0.28
C LEU A 433 4.20 1.11 -0.82
N LEU A 434 5.36 0.52 -0.54
CA LEU A 434 6.42 0.44 -1.56
C LEU A 434 6.74 -1.01 -1.84
N ASN A 435 7.38 -1.23 -2.97
CA ASN A 435 8.04 -2.51 -3.19
C ASN A 435 9.38 -2.23 -3.85
N GLN A 436 10.14 -3.26 -4.19
CA GLN A 436 11.47 -2.97 -4.75
C GLN A 436 11.43 -2.14 -6.04
N ALA A 437 10.39 -2.35 -6.84
CA ALA A 437 10.16 -1.56 -8.06
C ALA A 437 9.80 -0.08 -7.81
N SER A 438 9.61 0.31 -6.55
CA SER A 438 9.41 1.72 -6.20
C SER A 438 10.70 2.52 -6.42
N VAL A 439 11.84 1.83 -6.30
CA VAL A 439 13.15 2.44 -6.56
C VAL A 439 13.24 2.74 -8.05
N LEU A 440 12.85 1.75 -8.84
CA LEU A 440 12.69 1.90 -10.28
C LEU A 440 11.77 3.06 -10.65
N LYS A 441 10.59 3.12 -10.00
CA LYS A 441 9.62 4.22 -10.20
C LYS A 441 10.27 5.59 -9.94
N PHE A 442 11.05 5.70 -8.87
CA PHE A 442 11.73 6.99 -8.61
C PHE A 442 12.67 7.42 -9.74
N ILE A 443 13.49 6.49 -10.23
CA ILE A 443 14.42 6.77 -11.33
C ILE A 443 13.68 7.25 -12.58
N GLU A 444 12.60 6.54 -12.92
CA GLU A 444 11.75 6.83 -14.06
C GLU A 444 11.11 8.20 -13.96
N TYR A 445 10.54 8.49 -12.79
CA TYR A 445 9.93 9.78 -12.48
C TYR A 445 10.94 10.92 -12.57
N ASN A 446 12.10 10.71 -11.96
CA ASN A 446 13.08 11.78 -11.80
C ASN A 446 13.78 12.14 -13.10
N TRP A 447 14.17 11.13 -13.87
CA TRP A 447 14.89 11.36 -15.11
C TRP A 447 14.04 11.31 -16.41
N GLY A 448 12.72 11.13 -16.27
CA GLY A 448 11.82 11.24 -17.41
C GLY A 448 11.76 9.99 -18.29
N ILE A 449 11.69 8.83 -17.64
CA ILE A 449 11.59 7.57 -18.34
C ILE A 449 10.24 6.95 -17.96
N GLY A 450 9.63 6.24 -18.91
CA GLY A 450 8.36 5.54 -18.64
C GLY A 450 8.63 4.16 -18.12
N SER A 451 7.61 3.29 -18.18
CA SER A 451 7.75 1.89 -17.77
C SER A 451 8.75 1.16 -18.65
N VAL A 452 9.52 0.27 -18.03
CA VAL A 452 10.59 -0.42 -18.76
C VAL A 452 10.07 -1.52 -19.69
N SER A 453 8.93 -2.12 -19.35
CA SER A 453 8.40 -3.22 -20.15
C SER A 453 6.98 -3.60 -19.73
N LYS A 454 6.32 -4.38 -20.58
CA LYS A 454 5.01 -4.87 -20.25
C LYS A 454 5.04 -5.81 -19.06
N TYR A 455 6.22 -6.29 -18.69
CA TYR A 455 6.35 -7.27 -17.60
C TYR A 455 6.56 -6.62 -16.24
N SER A 456 6.83 -5.33 -16.23
CA SER A 456 7.34 -4.67 -15.05
C SER A 456 6.26 -4.25 -14.06
N ASN A 457 6.58 -4.39 -12.77
CA ASN A 457 5.73 -3.84 -11.72
C ASN A 457 5.92 -2.32 -11.51
N ASP A 458 6.88 -1.71 -12.20
CA ASP A 458 7.08 -0.26 -12.04
C ASP A 458 5.78 0.54 -12.22
N LYS A 459 4.97 0.13 -13.19
CA LYS A 459 3.71 0.83 -13.48
C LYS A 459 2.67 0.75 -12.35
N TYR A 460 2.85 -0.17 -11.40
CA TYR A 460 1.93 -0.31 -10.27
C TYR A 460 2.55 0.14 -8.96
N SER A 461 3.78 0.63 -9.01
CA SER A 461 4.55 0.94 -7.80
C SER A 461 4.40 2.39 -7.41
N ASN A 462 4.22 2.62 -6.11
CA ASN A 462 4.22 4.00 -5.62
C ASN A 462 5.66 4.52 -5.64
N ASN A 463 5.77 5.83 -5.77
CA ASN A 463 7.03 6.52 -5.72
C ASN A 463 7.45 6.67 -4.25
N ILE A 464 8.64 7.24 -4.02
CA ILE A 464 9.18 7.38 -2.67
C ILE A 464 9.14 8.84 -2.19
N LEU A 465 8.30 9.64 -2.84
CA LEU A 465 8.36 11.08 -2.62
C LEU A 465 7.94 11.54 -1.22
N ASN A 466 7.16 10.72 -0.50
CA ASN A 466 6.79 11.09 0.88
C ASN A 466 7.98 11.03 1.86
N MET A 467 9.11 10.48 1.41
CA MET A 467 10.30 10.45 2.24
C MET A 467 11.16 11.69 2.07
N PHE A 468 10.79 12.52 1.08
CA PHE A 468 11.48 13.78 0.79
C PHE A 468 10.61 15.00 1.14
N ASP A 469 11.26 16.07 1.57
CA ASP A 469 10.61 17.37 1.63
C ASP A 469 11.49 18.32 0.83
N PHE A 470 11.08 18.59 -0.42
CA PHE A 470 11.86 19.48 -1.29
C PHE A 470 11.52 20.95 -1.03
N ASN A 471 10.55 21.19 -0.14
CA ASN A 471 10.08 22.55 0.15
C ASN A 471 10.64 23.18 1.43
N LYS A 472 11.12 22.36 2.37
CA LYS A 472 11.59 22.88 3.66
C LYS A 472 12.82 23.78 3.49
N GLU A 473 12.92 24.79 4.34
CA GLU A 473 13.92 25.84 4.20
C GLU A 473 15.31 25.43 4.65
N GLN A 474 15.38 24.51 5.61
CA GLN A 474 16.67 24.06 6.15
C GLN A 474 16.98 22.63 5.73
N LYS A 475 18.17 22.44 5.14
CA LYS A 475 18.60 21.12 4.67
C LYS A 475 18.85 20.18 5.84
N THR A 476 18.60 18.90 5.58
CA THR A 476 18.84 17.83 6.52
C THR A 476 20.36 17.65 6.65
N LEU A 477 20.82 17.58 7.89
CA LEU A 477 22.24 17.56 8.23
C LEU A 477 22.89 16.22 7.92
N LYS A 478 24.21 16.24 7.69
CA LYS A 478 25.00 15.01 7.55
C LYS A 478 25.04 14.27 8.89
N LEU A 479 25.19 12.95 8.83
CA LEU A 479 25.37 12.15 10.02
C LEU A 479 26.63 11.32 9.86
N ILE A 480 27.70 11.75 10.52
CA ILE A 480 28.99 11.08 10.44
C ILE A 480 29.13 10.12 11.61
N LEU A 481 29.31 8.84 11.29
CA LEU A 481 29.36 7.79 12.32
C LEU A 481 30.70 7.09 12.37
N ASP A 482 30.94 6.44 13.51
CA ASP A 482 32.10 5.57 13.73
C ASP A 482 31.79 4.21 13.11
N PRO A 483 32.59 3.79 12.10
CA PRO A 483 32.27 2.52 11.42
C PRO A 483 32.28 1.28 12.31
N LYS A 484 32.98 1.38 13.45
CA LYS A 484 33.15 0.28 14.41
C LYS A 484 31.96 0.12 15.35
N THR A 485 31.21 1.20 15.57
CA THR A 485 30.14 1.23 16.59
C THR A 485 28.78 1.69 16.06
N GLY A 486 28.79 2.41 14.93
CA GLY A 486 27.61 3.08 14.42
C GLY A 486 27.13 4.28 15.22
N LEU A 487 27.95 4.71 16.18
CA LEU A 487 27.66 5.88 17.00
C LEU A 487 28.16 7.15 16.31
N VAL A 488 27.57 8.29 16.66
CA VAL A 488 27.97 9.59 16.10
C VAL A 488 29.46 9.83 16.39
N MET A 489 30.20 10.24 15.35
CA MET A 489 31.65 10.38 15.43
C MET A 489 32.08 11.61 16.22
N SER B 6 -33.22 18.08 23.80
CA SER B 6 -34.57 17.78 23.25
C SER B 6 -35.05 18.80 22.21
N LYS B 7 -34.31 19.92 22.07
CA LYS B 7 -34.65 20.96 21.06
C LYS B 7 -33.43 21.54 20.34
N PRO B 8 -33.60 21.94 19.06
CA PRO B 8 -32.50 22.50 18.25
C PRO B 8 -31.78 23.67 18.90
N ASN B 9 -30.45 23.63 18.83
CA ASN B 9 -29.59 24.71 19.32
C ASN B 9 -29.66 25.95 18.43
N ASP B 10 -29.00 27.04 18.92
CA ASP B 10 -28.91 28.27 18.15
C ASP B 10 -27.78 28.15 17.11
N TYR B 11 -28.12 28.41 15.84
CA TYR B 11 -27.14 28.31 14.74
C TYR B 11 -26.39 29.63 14.54
N GLN B 19 -29.36 32.29 -4.54
CA GLN B 19 -29.38 31.54 -5.79
C GLN B 19 -28.21 31.90 -6.70
N LYS B 20 -27.43 30.91 -7.09
CA LYS B 20 -26.38 31.08 -8.08
C LYS B 20 -26.26 29.80 -8.91
N LEU B 21 -26.54 29.92 -10.20
CA LEU B 21 -26.59 28.75 -11.07
C LEU B 21 -25.21 28.38 -11.59
N PHE B 22 -24.80 27.13 -11.33
CA PHE B 22 -23.52 26.61 -11.80
C PHE B 22 -23.63 26.09 -13.23
N ASN B 23 -22.53 26.21 -13.98
CA ASN B 23 -22.42 25.59 -15.31
C ASN B 23 -22.61 24.07 -15.23
N ASN B 24 -23.11 23.49 -16.32
CA ASN B 24 -23.33 22.06 -16.38
C ASN B 24 -22.01 21.29 -16.22
N ALA B 25 -22.03 20.25 -15.40
CA ALA B 25 -20.85 19.42 -15.17
C ALA B 25 -20.15 18.96 -16.47
N ASN B 26 -20.95 18.65 -17.49
CA ASN B 26 -20.43 18.21 -18.79
C ASN B 26 -19.51 19.23 -19.48
N THR B 27 -19.61 20.50 -19.08
CA THR B 27 -18.82 21.55 -19.72
C THR B 27 -17.49 21.80 -19.01
N LEU B 28 -17.33 21.25 -17.81
CA LEU B 28 -16.16 21.51 -16.98
C LEU B 28 -14.90 20.83 -17.52
N LYS B 29 -13.77 21.51 -17.34
CA LYS B 29 -12.47 20.92 -17.60
C LYS B 29 -12.10 19.90 -16.51
N THR B 30 -11.85 18.66 -16.95
CA THR B 30 -11.46 17.57 -16.06
C THR B 30 -10.17 16.90 -16.55
N THR B 31 -9.40 16.31 -15.63
CA THR B 31 -8.14 15.62 -15.97
C THR B 31 -8.37 14.30 -16.74
N THR B 32 -9.49 13.64 -16.44
CA THR B 32 -9.87 12.39 -17.08
C THR B 32 -11.20 12.57 -17.82
N PRO B 33 -11.61 11.58 -18.64
CA PRO B 33 -12.94 11.62 -19.26
C PRO B 33 -14.14 11.62 -18.30
N ILE B 34 -13.89 11.35 -17.01
CA ILE B 34 -14.96 11.32 -16.01
C ILE B 34 -15.48 12.74 -15.77
N LYS B 35 -16.76 12.95 -16.04
CA LYS B 35 -17.42 14.25 -15.79
C LYS B 35 -18.36 14.22 -14.58
N HIS B 36 -18.69 13.01 -14.15
CA HIS B 36 -19.59 12.80 -13.03
C HIS B 36 -19.05 11.66 -12.20
N VAL B 37 -18.74 11.93 -10.94
CA VAL B 37 -18.46 10.89 -9.97
C VAL B 37 -19.65 10.76 -9.01
N VAL B 38 -20.06 9.51 -8.77
CA VAL B 38 -21.16 9.22 -7.87
C VAL B 38 -20.61 8.30 -6.80
N ILE B 39 -20.69 8.74 -5.55
CA ILE B 39 -20.13 7.99 -4.43
C ILE B 39 -21.28 7.42 -3.63
N ILE B 40 -21.46 6.12 -3.73
CA ILE B 40 -22.52 5.43 -3.01
C ILE B 40 -21.90 4.92 -1.71
N PHE B 41 -22.21 5.62 -0.62
CA PHE B 41 -21.51 5.45 0.65
C PHE B 41 -22.31 4.52 1.55
N GLN B 42 -22.00 3.24 1.46
CA GLN B 42 -22.74 2.23 2.21
C GLN B 42 -22.19 2.08 3.62
N GLU B 43 -22.88 1.28 4.44
CA GLU B 43 -22.56 1.17 5.87
C GLU B 43 -22.09 -0.20 6.31
N ASN B 44 -21.06 -0.23 7.14
CA ASN B 44 -20.85 -1.31 8.12
C ASN B 44 -20.63 -2.72 7.63
N ASN B 45 -19.63 -2.88 6.77
CA ASN B 45 -19.20 -4.20 6.34
C ASN B 45 -17.72 -4.16 6.08
N SER B 46 -17.01 -5.16 6.61
CA SER B 46 -15.58 -5.29 6.38
C SER B 46 -15.37 -5.83 4.97
N PHE B 47 -14.15 -5.72 4.48
CA PHE B 47 -13.85 -6.38 3.22
C PHE B 47 -14.12 -7.88 3.28
N ASP B 48 -13.61 -8.57 4.30
CA ASP B 48 -13.74 -10.03 4.35
C ASP B 48 -15.20 -10.50 4.44
N ARG B 49 -16.04 -9.72 5.11
CA ARG B 49 -17.43 -10.13 5.32
C ARG B 49 -18.16 -10.22 3.98
N TYR B 50 -17.85 -9.29 3.08
CA TYR B 50 -18.52 -9.18 1.77
C TYR B 50 -17.78 -9.86 0.62
N PHE B 51 -16.44 -9.78 0.64
CA PHE B 51 -15.58 -10.31 -0.44
C PHE B 51 -14.51 -11.33 -0.01
N GLY B 52 -14.50 -11.74 1.25
CA GLY B 52 -13.48 -12.68 1.74
C GLY B 52 -13.52 -14.01 1.01
N MET B 53 -14.72 -14.42 0.61
CA MET B 53 -14.93 -15.70 -0.04
C MET B 53 -15.01 -15.61 -1.56
N TYR B 54 -14.89 -14.39 -2.07
CA TYR B 54 -14.99 -14.15 -3.51
C TYR B 54 -13.89 -14.89 -4.26
N PRO B 55 -14.25 -15.49 -5.42
CA PRO B 55 -15.57 -15.58 -6.06
C PRO B 55 -16.25 -16.95 -5.94
N ASN B 56 -16.24 -17.51 -4.74
CA ASN B 56 -16.83 -18.84 -4.50
C ASN B 56 -18.06 -18.76 -3.62
N ALA B 57 -19.17 -19.22 -4.17
CA ALA B 57 -20.46 -19.25 -3.47
C ALA B 57 -20.92 -20.69 -3.22
N LYS B 58 -21.70 -20.90 -2.16
CA LYS B 58 -22.23 -22.23 -1.81
C LYS B 58 -23.21 -22.75 -2.86
N ASN B 59 -24.04 -21.86 -3.39
CA ASN B 59 -25.11 -22.21 -4.34
C ASN B 59 -26.06 -23.28 -3.83
N PRO B 60 -26.71 -23.04 -2.66
CA PRO B 60 -27.71 -24.00 -2.21
C PRO B 60 -29.00 -23.83 -3.01
N GLU B 61 -29.92 -24.80 -2.88
CA GLU B 61 -31.19 -24.75 -3.61
C GLU B 61 -31.96 -23.48 -3.26
N GLY B 62 -32.56 -22.85 -4.28
CA GLY B 62 -33.49 -21.76 -4.06
C GLY B 62 -32.90 -20.38 -3.82
N GLU B 63 -31.57 -20.29 -3.77
CA GLU B 63 -30.86 -19.01 -3.68
C GLU B 63 -30.24 -18.62 -5.03
N PRO B 64 -30.17 -17.31 -5.33
CA PRO B 64 -29.55 -16.85 -6.58
C PRO B 64 -28.19 -17.53 -6.80
N LYS B 65 -28.03 -18.17 -7.96
CA LYS B 65 -26.81 -18.92 -8.25
C LYS B 65 -25.70 -17.96 -8.69
N PHE B 66 -24.52 -18.19 -8.16
CA PHE B 66 -23.32 -17.46 -8.57
C PHE B 66 -22.24 -18.44 -9.04
N VAL B 67 -21.71 -18.18 -10.24
CA VAL B 67 -20.64 -18.99 -10.81
C VAL B 67 -19.60 -18.01 -11.40
N ALA B 68 -18.37 -18.06 -10.90
CA ALA B 68 -17.35 -17.10 -11.31
C ALA B 68 -16.95 -17.30 -12.78
N LYS B 69 -16.66 -16.20 -13.45
CA LYS B 69 -16.07 -16.24 -14.77
C LYS B 69 -14.69 -16.90 -14.70
N GLU B 70 -14.30 -17.55 -15.78
CA GLU B 70 -12.96 -18.12 -15.88
C GLU B 70 -11.97 -16.95 -15.79
N ASN B 71 -10.84 -17.19 -15.12
CA ASN B 71 -9.78 -16.19 -14.94
C ASN B 71 -10.20 -14.96 -14.10
N THR B 72 -11.09 -15.17 -13.13
CA THR B 72 -11.37 -14.13 -12.14
C THR B 72 -10.12 -14.00 -11.26
N PRO B 73 -9.54 -12.78 -11.17
CA PRO B 73 -8.35 -12.59 -10.36
C PRO B 73 -8.63 -12.78 -8.89
N ASN B 74 -7.60 -13.09 -8.14
CA ASN B 74 -7.82 -13.35 -6.73
C ASN B 74 -7.80 -12.08 -5.89
N VAL B 75 -8.49 -12.18 -4.76
CA VAL B 75 -8.49 -11.16 -3.73
C VAL B 75 -7.71 -11.67 -2.52
N ASN B 76 -7.21 -10.71 -1.75
CA ASN B 76 -6.64 -10.99 -0.45
C ASN B 76 -7.80 -11.28 0.53
N GLY B 77 -8.29 -12.51 0.47
CA GLY B 77 -9.49 -12.89 1.24
C GLY B 77 -9.28 -14.03 2.23
N LEU B 78 -10.33 -14.81 2.45
CA LEU B 78 -10.31 -15.86 3.45
C LEU B 78 -9.80 -17.21 2.92
N THR B 79 -8.54 -17.49 3.23
CA THR B 79 -7.88 -18.72 2.84
C THR B 79 -8.36 -19.91 3.68
N LYS B 80 -7.94 -21.10 3.26
CA LYS B 80 -8.24 -22.35 3.96
C LYS B 80 -7.77 -22.24 5.41
N GLN B 81 -6.61 -21.65 5.62
CA GLN B 81 -6.04 -21.52 6.98
C GLN B 81 -6.86 -20.56 7.85
N LEU B 82 -7.31 -19.46 7.24
CA LEU B 82 -8.10 -18.47 7.95
C LEU B 82 -9.49 -19.00 8.25
N LEU B 83 -10.04 -19.79 7.33
CA LEU B 83 -11.34 -20.44 7.50
C LEU B 83 -11.35 -21.54 8.56
N GLU B 84 -10.27 -22.32 8.65
CA GLU B 84 -10.25 -23.50 9.51
C GLU B 84 -9.46 -23.41 10.80
N ASN B 85 -8.44 -22.54 10.82
CA ASN B 85 -7.61 -22.36 11.99
C ASN B 85 -7.44 -20.88 12.30
N ASN B 86 -8.58 -20.18 12.37
CA ASN B 86 -8.56 -18.76 12.66
C ASN B 86 -7.99 -18.53 14.07
N PRO B 87 -7.22 -17.43 14.24
CA PRO B 87 -6.68 -17.08 15.55
C PRO B 87 -7.76 -16.67 16.55
N ASN B 88 -8.94 -16.30 16.04
CA ASN B 88 -10.08 -15.95 16.90
C ASN B 88 -10.70 -17.18 17.55
N THR B 89 -11.57 -16.97 18.54
CA THR B 89 -12.16 -18.11 19.27
C THR B 89 -13.26 -18.83 18.50
N LYS B 90 -13.72 -18.21 17.43
CA LYS B 90 -14.64 -18.84 16.48
C LYS B 90 -14.10 -18.65 15.06
N ASN B 91 -14.22 -19.68 14.24
CA ASN B 91 -13.87 -19.58 12.81
C ASN B 91 -14.89 -18.76 12.03
N PRO B 92 -14.43 -18.13 10.93
CA PRO B 92 -15.36 -17.58 9.95
C PRO B 92 -16.38 -18.63 9.52
N TYR B 93 -17.61 -18.20 9.25
CA TYR B 93 -18.68 -19.09 8.79
C TYR B 93 -19.62 -18.31 7.86
N ARG B 94 -20.33 -19.04 7.01
CA ARG B 94 -21.27 -18.45 6.04
C ARG B 94 -22.61 -18.03 6.67
N LEU B 95 -22.88 -16.73 6.61
CA LEU B 95 -24.15 -16.17 7.08
C LEU B 95 -25.28 -16.52 6.15
N ASP B 96 -26.47 -16.70 6.70
CA ASP B 96 -27.64 -17.04 5.91
C ASP B 96 -28.28 -15.77 5.35
N ARG B 97 -28.75 -15.82 4.09
CA ARG B 97 -29.45 -14.66 3.51
C ARG B 97 -30.85 -14.48 4.09
N ASN B 98 -31.40 -15.53 4.66
CA ASN B 98 -32.78 -15.52 5.16
C ASN B 98 -32.94 -15.02 6.61
N PHE B 99 -31.84 -14.65 7.25
CA PHE B 99 -31.86 -14.17 8.64
C PHE B 99 -31.45 -12.69 8.69
N GLN B 100 -31.99 -11.95 9.66
CA GLN B 100 -31.63 -10.55 9.88
C GLN B 100 -30.28 -10.45 10.65
N PRO B 101 -29.23 -9.92 9.99
CA PRO B 101 -27.93 -9.77 10.68
C PRO B 101 -27.94 -8.69 11.76
N CYS B 102 -27.26 -8.96 12.87
CA CYS B 102 -27.12 -7.96 13.93
C CYS B 102 -26.05 -6.94 13.56
N SER B 103 -25.98 -5.86 14.32
CA SER B 103 -24.83 -4.96 14.22
C SER B 103 -23.81 -5.30 15.30
N GLN B 104 -22.54 -5.34 14.89
CA GLN B 104 -21.40 -5.57 15.78
C GLN B 104 -20.88 -4.26 16.35
N ASN B 105 -19.82 -4.34 17.16
CA ASN B 105 -19.29 -3.18 17.84
C ASN B 105 -18.19 -2.47 17.04
N HIS B 106 -18.47 -1.24 16.62
CA HIS B 106 -17.52 -0.47 15.79
C HIS B 106 -16.93 0.75 16.49
N GLU B 107 -16.95 0.75 17.81
CA GLU B 107 -16.30 1.81 18.59
C GLU B 107 -14.80 1.81 18.30
N TYR B 108 -14.23 3.01 18.25
CA TYR B 108 -12.79 3.25 18.00
C TYR B 108 -11.87 2.37 18.84
N HIS B 109 -12.02 2.47 20.16
CA HIS B 109 -11.17 1.73 21.07
C HIS B 109 -11.41 0.22 21.05
N GLN B 110 -12.69 -0.19 20.94
CA GLN B 110 -13.03 -1.61 20.79
C GLN B 110 -12.39 -2.28 19.54
N GLU B 111 -12.41 -1.57 18.41
CA GLU B 111 -11.85 -2.12 17.17
C GLU B 111 -10.34 -2.34 17.26
N ILE B 112 -9.67 -1.38 17.87
CA ILE B 112 -8.23 -1.47 18.12
C ILE B 112 -7.97 -2.69 19.00
N SER B 113 -8.85 -2.91 19.99
CA SER B 113 -8.70 -4.08 20.85
C SER B 113 -8.82 -5.40 20.08
N SER B 114 -9.77 -5.47 19.14
CA SER B 114 -9.91 -6.63 18.26
C SER B 114 -8.62 -6.95 17.51
N PHE B 115 -7.99 -5.91 16.97
CA PHE B 115 -6.72 -6.03 16.25
C PHE B 115 -5.60 -6.55 17.16
N ASN B 116 -5.71 -6.28 18.46
CA ASN B 116 -4.81 -6.85 19.46
C ASN B 116 -3.33 -6.86 19.09
N GLY B 117 -2.82 -5.69 18.67
CA GLY B 117 -1.39 -5.55 18.44
C GLY B 117 -0.83 -6.35 17.27
N GLY B 118 -1.70 -6.77 16.36
CA GLY B 118 -1.26 -7.52 15.19
C GLY B 118 -1.72 -8.97 15.16
N LEU B 119 -2.16 -9.47 16.31
CA LEU B 119 -2.64 -10.84 16.45
C LEU B 119 -3.99 -11.06 15.76
N MET B 120 -4.79 -10.00 15.64
CA MET B 120 -6.07 -10.02 14.92
C MET B 120 -6.97 -11.14 15.44
N ASN B 121 -6.95 -11.31 16.75
CA ASN B 121 -7.49 -12.53 17.34
C ASN B 121 -8.46 -12.28 18.49
N LYS B 122 -8.87 -11.03 18.69
CA LYS B 122 -9.83 -10.72 19.76
C LYS B 122 -11.14 -10.14 19.26
N PHE B 123 -11.54 -10.52 18.04
CA PHE B 123 -12.81 -10.04 17.45
C PHE B 123 -14.05 -10.55 18.17
N VAL B 124 -14.04 -11.82 18.58
CA VAL B 124 -15.20 -12.37 19.35
C VAL B 124 -15.37 -11.60 20.65
N GLU B 125 -14.24 -11.29 21.29
CA GLU B 125 -14.23 -10.55 22.56
C GLU B 125 -14.66 -9.09 22.44
N HIS B 126 -14.20 -8.39 21.39
CA HIS B 126 -14.40 -6.95 21.29
C HIS B 126 -15.33 -6.46 20.17
N GLY B 127 -15.70 -7.37 19.26
CA GLY B 127 -16.58 -7.06 18.15
C GLY B 127 -18.00 -7.50 18.46
N GLY B 128 -18.11 -8.47 19.37
CA GLY B 128 -19.39 -8.90 19.92
C GLY B 128 -20.03 -7.83 20.81
N CYS B 138 -26.98 -12.73 19.00
CA CYS B 138 -26.08 -12.25 17.93
C CYS B 138 -24.65 -12.77 18.01
N ASP B 139 -24.13 -13.01 19.22
CA ASP B 139 -22.69 -13.23 19.38
C ASP B 139 -22.10 -14.30 18.45
N GLY B 140 -20.92 -14.02 17.91
CA GLY B 140 -20.28 -14.87 16.91
C GLY B 140 -20.45 -14.38 15.47
N GLN B 141 -21.48 -13.56 15.25
CA GLN B 141 -21.74 -12.96 13.93
C GLN B 141 -20.63 -12.03 13.47
N VAL B 142 -19.82 -11.55 14.42
CA VAL B 142 -18.59 -10.83 14.06
C VAL B 142 -17.75 -11.67 13.09
N MET B 143 -17.79 -13.00 13.23
CA MET B 143 -16.99 -13.87 12.35
C MET B 143 -17.69 -14.26 11.02
N GLY B 144 -18.95 -13.85 10.87
CA GLY B 144 -19.76 -14.25 9.71
C GLY B 144 -19.30 -13.60 8.40
N TYR B 145 -19.41 -14.35 7.30
CA TYR B 145 -19.20 -13.81 5.97
C TYR B 145 -20.41 -14.14 5.09
N TYR B 146 -20.57 -13.34 4.04
CA TYR B 146 -21.54 -13.60 3.02
C TYR B 146 -20.79 -14.01 1.75
N ASP B 147 -21.48 -14.75 0.89
CA ASP B 147 -21.00 -15.05 -0.47
C ASP B 147 -22.01 -14.58 -1.52
N GLY B 148 -21.74 -14.97 -2.77
CA GLY B 148 -22.52 -14.53 -3.93
C GLY B 148 -23.98 -14.98 -4.00
N ASN B 149 -24.41 -15.84 -3.07
CA ASN B 149 -25.83 -16.18 -2.98
C ASN B 149 -26.59 -15.08 -2.27
N THR B 150 -25.87 -14.25 -1.51
CA THR B 150 -26.49 -13.17 -0.75
C THR B 150 -26.12 -11.79 -1.29
N VAL B 151 -24.82 -11.47 -1.31
CA VAL B 151 -24.36 -10.21 -1.91
C VAL B 151 -24.14 -10.41 -3.41
N THR B 152 -25.21 -10.84 -4.07
CA THR B 152 -25.14 -11.29 -5.46
C THR B 152 -24.75 -10.16 -6.40
N ALA B 153 -25.42 -9.01 -6.26
CA ALA B 153 -25.14 -7.84 -7.08
C ALA B 153 -23.71 -7.32 -6.91
N LEU B 154 -23.29 -7.17 -5.66
CA LEU B 154 -21.94 -6.73 -5.38
C LEU B 154 -20.92 -7.65 -6.04
N TRP B 155 -21.15 -8.96 -5.95
CA TRP B 155 -20.25 -9.92 -6.59
C TRP B 155 -20.32 -9.84 -8.10
N ASN B 156 -21.51 -9.63 -8.65
CA ASN B 156 -21.64 -9.44 -10.11
C ASN B 156 -21.00 -8.13 -10.60
N TYR B 157 -21.08 -7.08 -9.78
CA TYR B 157 -20.35 -5.83 -10.09
C TYR B 157 -18.84 -6.06 -10.14
N ALA B 158 -18.28 -6.78 -9.15
CA ALA B 158 -16.84 -7.11 -9.18
C ALA B 158 -16.47 -7.94 -10.43
N GLN B 159 -17.37 -8.85 -10.82
CA GLN B 159 -17.18 -9.69 -12.02
C GLN B 159 -17.13 -8.91 -13.34
N ASN B 160 -17.68 -7.69 -13.32
CA ASN B 160 -17.81 -6.88 -14.55
C ASN B 160 -17.12 -5.52 -14.51
N PHE B 161 -16.66 -5.13 -13.32
CA PHE B 161 -16.03 -3.82 -13.15
C PHE B 161 -14.79 -4.00 -12.26
N ALA B 162 -14.48 -3.00 -11.44
CA ALA B 162 -13.25 -3.04 -10.65
C ALA B 162 -13.51 -3.09 -9.16
N LEU B 163 -12.70 -3.87 -8.45
CA LEU B 163 -12.76 -4.03 -7.00
C LEU B 163 -11.37 -3.75 -6.44
N ASN B 164 -11.31 -3.04 -5.31
CA ASN B 164 -10.02 -2.86 -4.60
C ASN B 164 -10.01 -3.63 -3.28
N ASP B 165 -8.96 -4.42 -3.07
CA ASP B 165 -8.92 -5.27 -1.87
C ASP B 165 -7.88 -4.80 -0.86
N ASN B 166 -7.55 -3.50 -0.94
CA ASN B 166 -6.51 -2.92 -0.10
C ASN B 166 -6.91 -1.50 0.28
N THR B 167 -8.22 -1.33 0.56
CA THR B 167 -8.82 -0.06 0.96
C THR B 167 -9.21 -0.10 2.44
N PHE B 168 -8.84 0.94 3.18
CA PHE B 168 -9.04 1.00 4.63
C PHE B 168 -9.79 2.25 5.09
N GLY B 169 -10.49 2.13 6.22
CA GLY B 169 -11.01 3.31 6.90
C GLY B 169 -9.82 4.20 7.25
N THR B 170 -9.97 5.51 7.06
CA THR B 170 -8.90 6.47 7.33
C THR B 170 -8.48 6.41 8.80
N THR B 171 -9.46 6.28 9.70
CA THR B 171 -9.17 5.98 11.10
C THR B 171 -9.89 4.70 11.50
N PHE B 172 -9.58 4.17 12.68
CA PHE B 172 -10.47 3.23 13.34
C PHE B 172 -11.81 3.93 13.67
N GLY B 173 -12.82 3.14 14.00
CA GLY B 173 -14.03 3.71 14.56
C GLY B 173 -15.28 3.65 13.67
N PRO B 174 -16.35 4.26 14.17
CA PRO B 174 -17.70 4.17 13.65
C PRO B 174 -17.99 5.08 12.46
N SER B 175 -19.27 5.38 12.30
CA SER B 175 -19.75 5.95 11.08
C SER B 175 -19.43 7.45 10.91
N THR B 176 -19.43 8.23 12.00
CA THR B 176 -19.13 9.69 11.89
C THR B 176 -17.67 10.01 11.49
N PRO B 177 -16.68 9.38 12.15
CA PRO B 177 -15.32 9.56 11.61
C PRO B 177 -15.24 9.14 10.12
N GLY B 178 -15.92 8.06 9.75
CA GLY B 178 -15.93 7.54 8.37
C GLY B 178 -16.42 8.59 7.37
N ALA B 179 -17.55 9.22 7.68
CA ALA B 179 -18.15 10.24 6.82
C ALA B 179 -17.28 11.51 6.72
N LEU B 180 -16.75 11.98 7.86
CA LEU B 180 -15.86 13.14 7.90
C LEU B 180 -14.56 12.88 7.12
N ASN B 181 -14.00 11.69 7.30
CA ASN B 181 -12.79 11.31 6.55
C ASN B 181 -13.03 11.23 5.05
N LEU B 182 -14.21 10.76 4.64
CA LEU B 182 -14.54 10.69 3.21
C LEU B 182 -14.55 12.09 2.58
N VAL B 183 -15.12 13.08 3.26
CA VAL B 183 -15.29 14.40 2.64
C VAL B 183 -14.17 15.41 2.97
N ALA B 184 -13.40 15.15 4.03
CA ALA B 184 -12.31 16.05 4.45
C ALA B 184 -10.95 15.34 4.61
N GLY B 185 -10.98 14.01 4.73
CA GLY B 185 -9.76 13.24 5.07
C GLY B 185 -9.26 13.51 6.48
N ALA B 186 -10.14 14.03 7.33
CA ALA B 186 -9.81 14.41 8.70
C ALA B 186 -11.10 14.30 9.53
N ASN B 187 -10.95 13.93 10.81
CA ASN B 187 -12.08 13.76 11.72
C ASN B 187 -12.15 14.84 12.80
N GLY B 188 -11.50 15.96 12.51
CA GLY B 188 -11.49 17.12 13.39
C GLY B 188 -10.59 18.17 12.77
N PRO B 189 -10.20 19.19 13.55
CA PRO B 189 -10.53 19.45 14.96
C PRO B 189 -12.02 19.72 15.19
N ALA B 190 -12.51 19.41 16.39
CA ALA B 190 -13.94 19.47 16.69
C ALA B 190 -14.24 19.79 18.15
N MET B 191 -15.38 20.47 18.36
CA MET B 191 -15.87 20.78 19.70
C MET B 191 -17.33 20.32 19.90
N SER B 192 -17.72 20.08 21.18
CA SER B 192 -19.11 19.77 21.53
C SER B 192 -19.55 20.63 22.71
N PRO B 193 -20.82 21.11 22.70
CA PRO B 193 -21.32 21.81 23.90
C PRO B 193 -21.33 20.90 25.14
N SER B 194 -21.48 19.59 24.91
CA SER B 194 -21.42 18.59 26.00
C SER B 194 -19.99 18.26 26.49
N GLY B 195 -18.96 18.85 25.83
CA GLY B 195 -17.57 18.49 26.12
C GLY B 195 -17.16 17.28 25.30
N ASN B 196 -16.07 16.62 25.67
CA ASN B 196 -15.56 15.47 24.90
C ASN B 196 -16.38 14.20 25.07
N LEU B 197 -16.80 13.93 26.31
CA LEU B 197 -17.44 12.65 26.66
C LEU B 197 -16.59 11.51 26.12
N GLU B 198 -17.22 10.52 25.51
CA GLU B 198 -16.47 9.46 24.80
C GLU B 198 -16.61 9.64 23.29
N ASN B 199 -16.98 10.85 22.88
CA ASN B 199 -17.16 11.19 21.47
C ASN B 199 -15.92 11.79 20.83
N ILE B 200 -15.14 12.54 21.61
CA ILE B 200 -14.02 13.31 21.09
C ILE B 200 -12.77 13.06 21.94
N GLU B 201 -11.63 12.93 21.27
CA GLU B 201 -10.35 12.72 21.93
C GLU B 201 -9.31 13.60 21.25
N ASN B 202 -8.63 14.44 22.04
CA ASN B 202 -7.59 15.34 21.52
C ASN B 202 -8.09 16.19 20.33
N ASN B 203 -9.34 16.66 20.44
CA ASN B 203 -10.02 17.46 19.40
C ASN B 203 -10.54 16.68 18.18
N TYR B 204 -10.30 15.38 18.11
CA TYR B 204 -10.76 14.57 16.96
C TYR B 204 -11.93 13.68 17.33
N ILE B 205 -12.93 13.62 16.44
CA ILE B 205 -14.14 12.86 16.69
C ILE B 205 -13.87 11.36 16.50
N ILE B 206 -14.07 10.59 17.57
CA ILE B 206 -13.84 9.16 17.55
C ILE B 206 -15.11 8.31 17.66
N ASP B 207 -16.26 8.95 17.95
CA ASP B 207 -17.55 8.22 17.97
C ASP B 207 -18.62 8.95 17.15
N ASP B 208 -19.88 8.88 17.58
CA ASP B 208 -20.98 9.38 16.73
C ASP B 208 -21.80 10.51 17.35
N PRO B 209 -21.17 11.66 17.70
CA PRO B 209 -22.04 12.75 18.10
C PRO B 209 -22.81 13.20 16.86
N ASN B 210 -24.05 13.67 17.05
CA ASN B 210 -24.81 14.18 15.92
C ASN B 210 -24.22 15.50 15.42
N PRO B 211 -24.51 15.87 14.16
CA PRO B 211 -24.10 17.18 13.63
C PRO B 211 -24.86 18.31 14.30
N TYR B 212 -24.13 19.37 14.64
CA TYR B 212 -24.70 20.57 15.25
C TYR B 212 -25.76 21.22 14.38
N TYR B 213 -25.43 21.43 13.10
CA TYR B 213 -26.28 22.21 12.20
C TYR B 213 -27.25 21.32 11.43
N ASP B 214 -28.23 20.80 12.19
CA ASP B 214 -29.20 19.84 11.67
C ASP B 214 -30.39 19.74 12.64
N ASP B 215 -31.54 20.31 12.25
CA ASP B 215 -32.76 20.28 13.07
C ASP B 215 -33.04 18.86 13.53
N CYS B 216 -32.85 17.90 12.62
CA CYS B 216 -33.26 16.51 12.84
C CYS B 216 -32.34 15.72 13.79
N SER B 217 -31.30 16.38 14.31
CA SER B 217 -30.44 15.80 15.37
C SER B 217 -31.13 15.81 16.74
N TYR B 218 -32.13 16.68 16.89
CA TYR B 218 -32.69 17.02 18.19
C TYR B 218 -34.00 16.26 18.50
N GLY B 219 -34.41 16.30 19.76
CA GLY B 219 -35.53 15.47 20.26
C GLY B 219 -36.89 15.71 19.61
N THR B 220 -37.01 16.78 18.83
CA THR B 220 -38.26 17.10 18.12
C THR B 220 -38.49 16.11 16.94
N SER B 221 -37.40 15.52 16.45
CA SER B 221 -37.45 14.46 15.43
C SER B 221 -37.34 13.06 16.05
N LYS B 222 -38.12 12.10 15.49
CA LYS B 222 -37.95 10.68 15.78
C LYS B 222 -36.59 10.16 15.35
N SER B 223 -35.98 10.84 14.38
CA SER B 223 -34.63 10.52 13.87
C SER B 223 -33.54 11.14 14.76
N GLY B 224 -33.95 12.09 15.62
CA GLY B 224 -33.03 12.78 16.55
C GLY B 224 -32.88 12.01 17.89
N ASP B 225 -32.12 12.61 18.81
CA ASP B 225 -31.92 12.00 20.14
C ASP B 225 -31.48 13.05 21.15
N THR B 226 -32.36 13.32 22.11
CA THR B 226 -32.10 14.19 23.25
C THR B 226 -30.78 13.89 23.96
N ASN B 227 -30.43 12.55 24.01
CA ASN B 227 -29.27 12.09 24.78
C ASN B 227 -28.03 11.77 23.94
N THR B 228 -28.11 12.13 22.66
CA THR B 228 -26.88 12.09 21.82
C THR B 228 -26.33 13.54 21.80
N ALA B 229 -25.04 13.65 22.07
CA ALA B 229 -24.35 14.96 22.00
C ALA B 229 -24.25 15.40 20.54
N VAL B 230 -24.08 16.70 20.34
CA VAL B 230 -23.82 17.23 18.99
C VAL B 230 -22.42 17.86 18.93
N ALA B 231 -21.83 17.85 17.73
CA ALA B 231 -20.47 18.37 17.53
C ALA B 231 -20.36 19.18 16.25
N LYS B 232 -19.39 20.08 16.22
CA LYS B 232 -19.07 20.87 15.02
C LYS B 232 -17.58 20.85 14.75
N ILE B 233 -17.21 20.90 13.48
CA ILE B 233 -15.80 21.01 13.09
C ILE B 233 -15.35 22.47 13.29
N THR B 234 -14.17 22.65 13.88
CA THR B 234 -13.74 23.98 14.34
C THR B 234 -12.64 24.61 13.49
N ASP B 235 -11.99 23.81 12.64
CA ASP B 235 -10.96 24.29 11.73
C ASP B 235 -10.79 23.32 10.56
N GLY B 236 -10.32 23.83 9.43
CA GLY B 236 -10.13 23.02 8.22
C GLY B 236 -11.39 22.90 7.37
N TYR B 237 -11.20 22.92 6.05
CA TYR B 237 -12.30 22.81 5.11
C TYR B 237 -12.55 21.35 4.71
N ASN B 238 -13.75 21.06 4.19
CA ASN B 238 -14.02 19.80 3.52
C ASN B 238 -14.05 20.06 2.01
N ILE B 239 -14.26 19.01 1.21
CA ILE B 239 -14.26 19.16 -0.24
C ILE B 239 -15.35 20.12 -0.76
N GLY B 240 -16.49 20.17 -0.08
CA GLY B 240 -17.60 21.02 -0.46
C GLY B 240 -17.26 22.49 -0.54
N HIS B 241 -16.44 22.98 0.40
CA HIS B 241 -15.93 24.35 0.35
C HIS B 241 -15.33 24.68 -1.02
N TYR B 242 -14.54 23.73 -1.55
CA TYR B 242 -13.79 23.91 -2.79
C TYR B 242 -14.63 23.74 -4.04
N LEU B 243 -15.57 22.80 -4.00
CA LEU B 243 -16.51 22.57 -5.10
C LEU B 243 -17.49 23.74 -5.25
N THR B 244 -17.99 24.24 -4.12
CA THR B 244 -18.84 25.44 -4.13
C THR B 244 -18.07 26.64 -4.69
N GLN B 245 -16.87 26.87 -4.18
CA GLN B 245 -16.02 27.98 -4.60
C GLN B 245 -15.71 27.97 -6.10
N LYS B 246 -15.45 26.79 -6.66
CA LYS B 246 -15.07 26.65 -8.07
C LYS B 246 -16.29 26.59 -9.02
N GLY B 247 -17.49 26.56 -8.46
CA GLY B 247 -18.73 26.45 -9.25
C GLY B 247 -18.92 25.08 -9.87
N ILE B 248 -18.55 24.04 -9.12
CA ILE B 248 -18.69 22.66 -9.56
C ILE B 248 -19.95 22.07 -8.95
N THR B 249 -20.93 21.70 -9.78
CA THR B 249 -22.18 21.12 -9.26
C THR B 249 -21.92 19.90 -8.36
N TRP B 250 -22.47 19.95 -7.15
CA TRP B 250 -22.28 18.88 -6.17
C TRP B 250 -23.41 18.79 -5.16
N GLY B 251 -23.52 17.63 -4.52
CA GLY B 251 -24.54 17.43 -3.51
C GLY B 251 -24.36 16.16 -2.69
N TRP B 252 -24.87 16.21 -1.48
CA TRP B 252 -25.04 15.05 -0.63
C TRP B 252 -26.54 14.72 -0.71
N PHE B 253 -26.87 13.51 -1.16
CA PHE B 253 -28.26 13.13 -1.38
C PHE B 253 -28.59 11.92 -0.51
N GLN B 254 -29.45 12.11 0.48
CA GLN B 254 -29.68 11.09 1.49
C GLN B 254 -31.16 10.73 1.67
N GLY B 255 -31.45 9.43 1.81
CA GLY B 255 -32.80 8.96 2.12
C GLY B 255 -33.29 9.44 3.48
N GLY B 256 -34.49 10.03 3.51
CA GLY B 256 -35.05 10.55 4.76
C GLY B 256 -34.72 12.00 5.05
N PHE B 257 -33.85 12.60 4.23
CA PHE B 257 -33.47 14.02 4.40
C PHE B 257 -34.68 14.93 4.27
N LYS B 258 -35.60 14.59 3.36
CA LYS B 258 -36.85 15.32 3.23
C LYS B 258 -37.70 15.16 4.51
N PRO B 259 -37.94 16.29 5.22
CA PRO B 259 -38.78 16.25 6.45
C PRO B 259 -40.19 15.73 6.20
N THR B 260 -40.72 14.93 7.15
CA THR B 260 -42.13 14.50 7.10
C THR B 260 -43.08 15.61 7.55
N SER B 261 -42.54 16.59 8.28
CA SER B 261 -43.32 17.75 8.73
C SER B 261 -42.41 18.89 9.21
N TYR B 262 -43.05 20.07 9.54
CA TYR B 262 -42.33 21.20 10.13
C TYR B 262 -43.05 21.66 11.39
N SER B 263 -42.27 22.17 12.34
CA SER B 263 -42.80 22.64 13.61
C SER B 263 -42.19 24.04 13.93
N GLY B 264 -42.76 25.14 13.23
CA GLY B 264 -42.18 26.51 13.41
C GLY B 264 -40.68 26.56 13.08
N LYS B 265 -40.34 26.87 11.81
CA LYS B 265 -38.93 26.88 11.30
C LYS B 265 -38.20 25.53 11.39
N THR B 266 -38.58 24.72 12.39
CA THR B 266 -37.87 23.49 12.69
C THR B 266 -38.39 22.29 11.92
N ALA B 267 -37.48 21.66 11.18
CA ALA B 267 -37.77 20.48 10.37
C ALA B 267 -37.89 19.21 11.26
N ILE B 268 -38.92 18.43 10.91
CA ILE B 268 -39.16 17.12 11.57
C ILE B 268 -38.98 15.98 10.55
N CYS B 269 -37.99 15.12 10.81
CA CYS B 269 -37.66 14.00 9.92
C CYS B 269 -38.11 12.65 10.52
N ASP B 270 -39.41 12.36 10.42
CA ASP B 270 -39.94 11.13 11.03
C ASP B 270 -40.21 9.99 10.02
N ALA B 271 -39.63 10.09 8.79
CA ALA B 271 -39.83 9.06 7.77
C ALA B 271 -39.26 7.73 8.24
N MET B 272 -40.06 6.67 8.13
CA MET B 272 -39.63 5.32 8.50
C MET B 272 -39.95 4.29 7.42
N SER B 273 -39.11 3.27 7.34
CA SER B 273 -39.38 2.15 6.47
C SER B 273 -39.24 0.85 7.24
N THR B 274 -39.89 -0.19 6.75
CA THR B 274 -39.75 -1.53 7.31
C THR B 274 -38.90 -2.34 6.33
N ASN B 275 -37.85 -2.97 6.84
CA ASN B 275 -36.96 -3.74 5.98
C ASN B 275 -37.54 -5.13 5.69
N LYS B 276 -36.89 -5.88 4.80
CA LYS B 276 -37.36 -7.19 4.39
C LYS B 276 -37.65 -8.11 5.58
N PHE B 277 -36.89 -7.93 6.66
CA PHE B 277 -37.00 -8.76 7.86
C PHE B 277 -37.83 -8.09 8.98
N GLY B 278 -38.65 -7.14 8.61
CA GLY B 278 -39.67 -6.60 9.51
C GLY B 278 -39.22 -5.52 10.47
N VAL B 279 -37.94 -5.16 10.40
CA VAL B 279 -37.41 -4.10 11.25
C VAL B 279 -37.79 -2.74 10.66
N LYS B 280 -38.61 -2.00 11.39
CA LYS B 280 -38.92 -0.61 11.04
C LYS B 280 -37.80 0.25 11.62
N SER B 281 -37.27 1.22 10.80
CA SER B 281 -36.14 2.07 11.19
C SER B 281 -36.32 3.46 10.56
N ARG B 282 -35.66 4.47 11.20
CA ARG B 282 -35.64 5.84 10.59
C ARG B 282 -34.97 5.81 9.21
N ASP B 283 -35.55 6.57 8.26
CA ASP B 283 -34.92 6.74 6.94
C ASP B 283 -33.68 7.63 7.08
N TYR B 284 -33.85 8.72 7.83
CA TYR B 284 -32.77 9.70 8.01
C TYR B 284 -31.90 9.42 9.24
N ILE B 285 -30.59 9.37 9.02
CA ILE B 285 -29.62 9.20 10.09
C ILE B 285 -28.69 10.43 10.12
N PRO B 286 -28.96 11.40 11.02
CA PRO B 286 -28.19 12.66 11.08
C PRO B 286 -26.66 12.52 11.18
N HIS B 287 -26.16 11.62 12.02
CA HIS B 287 -24.71 11.47 12.16
C HIS B 287 -24.06 10.77 10.97
N HIS B 288 -24.83 10.53 9.91
CA HIS B 288 -24.27 10.05 8.64
C HIS B 288 -24.13 11.20 7.64
N GLU B 289 -24.45 12.42 8.07
CA GLU B 289 -24.46 13.59 7.19
C GLU B 289 -23.26 14.49 7.52
N PRO B 290 -22.11 14.29 6.83
CA PRO B 290 -20.86 14.94 7.26
C PRO B 290 -20.84 16.46 7.05
N PHE B 291 -21.53 16.93 6.01
CA PHE B 291 -21.47 18.34 5.67
C PHE B 291 -22.16 19.25 6.68
N ASN B 292 -23.11 18.69 7.42
CA ASN B 292 -23.80 19.40 8.51
C ASN B 292 -22.99 19.50 9.82
N TYR B 293 -21.72 19.09 9.79
CA TYR B 293 -20.79 19.28 10.92
C TYR B 293 -20.01 20.59 10.78
N TRP B 294 -19.94 21.11 9.55
CA TRP B 294 -19.41 22.45 9.31
C TRP B 294 -20.60 23.39 9.14
N LYS B 295 -20.50 24.57 9.74
CA LYS B 295 -21.50 25.62 9.59
C LYS B 295 -21.64 26.02 8.12
N GLU B 296 -20.50 26.17 7.44
CA GLU B 296 -20.47 26.62 6.05
C GLU B 296 -21.21 25.71 5.08
N THR B 297 -21.08 24.39 5.25
CA THR B 297 -21.63 23.40 4.31
C THR B 297 -22.98 22.81 4.72
N SER B 298 -23.58 23.37 5.77
CA SER B 298 -24.79 22.81 6.37
C SER B 298 -26.11 23.32 5.77
N ASN B 299 -27.16 22.51 5.94
CA ASN B 299 -28.55 22.87 5.65
C ASN B 299 -29.38 22.41 6.86
N PRO B 300 -29.31 23.15 7.99
CA PRO B 300 -29.95 22.67 9.22
C PRO B 300 -31.48 22.46 9.17
N HIS B 301 -32.19 23.28 8.39
CA HIS B 301 -33.66 23.17 8.33
C HIS B 301 -34.14 22.21 7.22
N HIS B 302 -33.19 21.50 6.60
CA HIS B 302 -33.47 20.56 5.50
C HIS B 302 -34.31 21.21 4.40
N LEU B 303 -33.95 22.44 4.05
CA LEU B 303 -34.68 23.21 3.06
C LEU B 303 -34.57 22.54 1.70
N ALA B 304 -35.71 22.46 1.00
CA ALA B 304 -35.72 21.88 -0.35
C ALA B 304 -34.98 22.82 -1.32
N PRO B 305 -34.48 22.29 -2.46
CA PRO B 305 -33.94 23.19 -3.49
C PRO B 305 -34.93 24.30 -3.89
N SER B 306 -34.40 25.48 -4.20
CA SER B 306 -35.23 26.60 -4.66
C SER B 306 -36.04 26.21 -5.89
N ASP B 307 -35.46 25.34 -6.71
CA ASP B 307 -36.12 24.74 -7.86
C ASP B 307 -35.35 23.50 -8.31
N ASP B 308 -36.01 22.62 -9.07
CA ASP B 308 -35.35 21.46 -9.69
C ASP B 308 -34.11 21.88 -10.47
N LYS B 309 -34.16 23.07 -11.09
CA LYS B 309 -33.08 23.55 -11.96
C LYS B 309 -31.82 23.86 -11.18
N TYR B 310 -31.98 24.18 -9.90
CA TYR B 310 -30.86 24.58 -9.05
C TYR B 310 -30.22 23.46 -8.22
N ILE B 311 -30.71 22.23 -8.38
CA ILE B 311 -30.09 21.07 -7.72
C ILE B 311 -28.62 20.98 -8.14
N GLY B 312 -27.71 20.94 -7.17
CA GLY B 312 -26.27 20.91 -7.44
C GLY B 312 -25.62 22.28 -7.50
N SER B 313 -26.44 23.31 -7.71
CA SER B 313 -25.96 24.70 -7.71
C SER B 313 -26.10 25.31 -6.31
N ASN B 314 -25.92 26.62 -6.20
CA ASN B 314 -26.12 27.36 -4.95
C ASN B 314 -27.57 27.82 -4.74
N ASP B 315 -28.12 27.51 -3.57
CA ASP B 315 -29.40 28.06 -3.09
C ASP B 315 -29.64 27.67 -1.62
N GLN B 316 -30.85 27.90 -1.13
CA GLN B 316 -31.19 27.61 0.28
C GLN B 316 -30.87 26.18 0.76
N ALA B 317 -30.83 25.20 -0.14
CA ALA B 317 -30.51 23.82 0.25
C ALA B 317 -29.03 23.59 0.62
N ASN B 318 -28.16 24.52 0.19
CA ASN B 318 -26.71 24.41 0.42
C ASN B 318 -26.12 23.03 0.11
N HIS B 319 -26.49 22.49 -1.05
CA HIS B 319 -25.95 21.22 -1.55
C HIS B 319 -26.33 19.98 -0.75
N GLN B 320 -27.27 20.12 0.17
CA GLN B 320 -27.70 19.00 1.02
C GLN B 320 -29.15 18.64 0.69
N TYR B 321 -29.37 17.40 0.25
CA TYR B 321 -30.63 17.05 -0.41
C TYR B 321 -31.20 15.70 0.03
N ASP B 322 -32.51 15.56 -0.15
CA ASP B 322 -33.14 14.23 -0.13
C ASP B 322 -32.66 13.47 -1.36
N ILE B 323 -32.62 12.14 -1.28
CA ILE B 323 -32.21 11.30 -2.41
C ILE B 323 -33.04 11.55 -3.68
N SER B 324 -34.33 11.85 -3.49
CA SER B 324 -35.23 12.16 -4.62
C SER B 324 -34.68 13.24 -5.58
N GLU B 325 -33.89 14.17 -5.06
CA GLU B 325 -33.39 15.31 -5.84
C GLU B 325 -32.26 14.91 -6.80
N PHE B 326 -31.55 13.83 -6.47
CA PHE B 326 -30.55 13.31 -7.40
C PHE B 326 -31.22 12.89 -8.71
N TRP B 327 -32.31 12.13 -8.58
CA TRP B 327 -33.01 11.58 -9.75
C TRP B 327 -33.65 12.65 -10.59
N LYS B 328 -34.12 13.71 -9.93
CA LYS B 328 -34.64 14.89 -10.65
C LYS B 328 -33.52 15.56 -11.46
N ALA B 329 -32.35 15.74 -10.84
CA ALA B 329 -31.20 16.33 -11.54
C ALA B 329 -30.75 15.48 -12.75
N LEU B 330 -30.57 14.17 -12.50
CA LEU B 330 -30.14 13.24 -13.53
C LEU B 330 -31.12 13.20 -14.72
N ASP B 331 -32.41 13.09 -14.41
CA ASP B 331 -33.46 13.00 -15.42
C ASP B 331 -33.64 14.30 -16.22
N GLN B 332 -33.21 15.41 -15.64
CA GLN B 332 -33.34 16.73 -16.27
C GLN B 332 -32.03 17.20 -16.90
N ASN B 333 -31.11 16.26 -17.16
CA ASN B 333 -29.83 16.55 -17.81
C ASN B 333 -28.94 17.52 -17.03
N ASN B 334 -29.12 17.53 -15.71
CA ASN B 334 -28.36 18.35 -14.78
C ASN B 334 -27.67 17.49 -13.73
N MET B 335 -27.23 16.30 -14.13
CA MET B 335 -26.47 15.43 -13.22
C MET B 335 -25.28 16.22 -12.66
N PRO B 336 -25.13 16.27 -11.32
CA PRO B 336 -24.00 16.98 -10.70
C PRO B 336 -22.65 16.36 -11.08
N ALA B 337 -21.60 17.16 -11.05
CA ALA B 337 -20.23 16.62 -11.20
C ALA B 337 -19.87 15.64 -10.06
N VAL B 338 -20.28 15.96 -8.84
CA VAL B 338 -19.99 15.17 -7.64
C VAL B 338 -21.26 14.93 -6.80
N SER B 339 -21.67 13.68 -6.73
CA SER B 339 -22.87 13.31 -6.00
C SER B 339 -22.51 12.22 -5.00
N TYR B 340 -22.81 12.47 -3.73
CA TYR B 340 -22.76 11.44 -2.69
C TYR B 340 -24.17 10.88 -2.52
N LEU B 341 -24.31 9.56 -2.58
CA LEU B 341 -25.61 8.94 -2.40
C LEU B 341 -25.62 8.12 -1.10
N LYS B 342 -26.57 8.43 -0.24
CA LYS B 342 -26.77 7.70 1.01
C LYS B 342 -28.17 7.11 1.05
N ALA B 343 -28.26 5.79 1.19
CA ALA B 343 -29.54 5.10 1.24
C ALA B 343 -30.40 5.55 2.42
N PRO B 344 -31.73 5.42 2.27
CA PRO B 344 -32.54 5.45 3.48
C PRO B 344 -32.03 4.35 4.41
N GLY B 345 -32.09 4.60 5.71
CA GLY B 345 -31.55 3.68 6.70
C GLY B 345 -31.73 2.23 6.33
N TYR B 346 -32.97 1.81 6.08
CA TYR B 346 -33.27 0.39 5.88
C TYR B 346 -32.47 -0.27 4.75
N GLN B 347 -31.93 0.54 3.84
CA GLN B 347 -31.16 0.05 2.71
C GLN B 347 -29.66 0.38 2.73
N ASP B 348 -29.16 0.98 3.82
CA ASP B 348 -27.74 1.40 3.85
C ASP B 348 -26.75 0.26 4.10
N GLY B 349 -27.25 -0.93 4.41
CA GLY B 349 -26.38 -2.10 4.55
C GLY B 349 -25.92 -2.37 5.98
N HIS B 350 -26.17 -1.42 6.89
CA HIS B 350 -25.84 -1.52 8.34
C HIS B 350 -26.61 -2.67 9.00
N GLY B 351 -25.92 -3.47 9.81
CA GLY B 351 -26.59 -4.53 10.59
C GLY B 351 -27.70 -4.04 11.49
N GLY B 352 -28.55 -4.98 11.92
CA GLY B 352 -29.67 -4.66 12.81
C GLY B 352 -30.94 -4.13 12.15
N TYR B 353 -30.80 -3.01 11.44
CA TYR B 353 -31.94 -2.34 10.82
C TYR B 353 -31.90 -2.44 9.28
N SER B 354 -30.71 -2.73 8.76
CA SER B 354 -30.56 -3.05 7.35
C SER B 354 -29.93 -4.44 7.20
N ASN B 355 -29.71 -4.86 5.95
CA ASN B 355 -29.26 -6.20 5.60
C ASN B 355 -28.80 -6.20 4.13
N PRO B 356 -28.10 -7.27 3.69
CA PRO B 356 -27.65 -7.28 2.29
C PRO B 356 -28.74 -7.33 1.21
N LEU B 357 -29.95 -7.82 1.54
CA LEU B 357 -30.99 -7.96 0.51
C LEU B 357 -31.65 -6.60 0.24
N ASP B 358 -32.02 -5.88 1.29
CA ASP B 358 -32.48 -4.49 1.14
C ASP B 358 -31.42 -3.59 0.54
N GLU B 359 -30.17 -3.73 0.98
CA GLU B 359 -29.06 -2.97 0.38
C GLU B 359 -28.98 -3.25 -1.12
N GLN B 360 -29.07 -4.53 -1.48
CA GLN B 360 -28.95 -4.96 -2.88
C GLN B 360 -30.05 -4.36 -3.75
N GLU B 361 -31.28 -4.29 -3.22
CA GLU B 361 -32.34 -3.65 -3.95
C GLU B 361 -32.00 -2.18 -4.23
N TRP B 362 -31.56 -1.46 -3.21
CA TRP B 362 -31.12 -0.06 -3.36
C TRP B 362 -29.95 0.09 -4.33
N LEU B 363 -28.94 -0.76 -4.15
CA LEU B 363 -27.78 -0.75 -5.03
C LEU B 363 -28.18 -1.02 -6.48
N VAL B 364 -28.90 -2.11 -6.72
CA VAL B 364 -29.32 -2.48 -8.08
C VAL B 364 -30.23 -1.42 -8.70
N ASN B 365 -31.23 -0.96 -7.95
CA ASN B 365 -32.13 0.07 -8.52
C ASN B 365 -31.41 1.35 -8.92
N THR B 366 -30.50 1.80 -8.03
CA THR B 366 -29.73 3.04 -8.20
C THR B 366 -28.74 2.94 -9.36
N ILE B 367 -27.97 1.87 -9.36
CA ILE B 367 -26.93 1.64 -10.37
C ILE B 367 -27.56 1.33 -11.73
N ASN B 368 -28.68 0.58 -11.74
CA ASN B 368 -29.42 0.36 -12.97
C ASN B 368 -29.81 1.71 -13.56
N ARG B 369 -30.38 2.56 -12.72
CA ARG B 369 -30.90 3.86 -13.15
C ARG B 369 -29.81 4.79 -13.67
N ILE B 370 -28.66 4.83 -13.00
CA ILE B 370 -27.55 5.67 -13.47
C ILE B 370 -26.98 5.17 -14.82
N GLN B 371 -26.76 3.86 -14.92
CA GLN B 371 -26.31 3.24 -16.17
C GLN B 371 -27.24 3.46 -17.36
N GLN B 372 -28.54 3.54 -17.10
CA GLN B 372 -29.51 3.76 -18.18
C GLN B 372 -29.49 5.20 -18.65
N SER B 373 -29.03 6.11 -17.78
CA SER B 373 -29.09 7.54 -18.06
C SER B 373 -28.16 7.95 -19.18
N LYS B 374 -28.40 9.14 -19.70
CA LYS B 374 -27.64 9.69 -20.82
C LYS B 374 -26.24 10.08 -20.41
N ASP B 375 -25.99 10.15 -19.10
CA ASP B 375 -24.66 10.51 -18.62
C ASP B 375 -23.79 9.36 -18.17
N TRP B 376 -24.27 8.12 -18.31
CA TRP B 376 -23.45 6.95 -17.98
C TRP B 376 -22.08 6.99 -18.66
N ASP B 377 -22.05 7.43 -19.92
CA ASP B 377 -20.82 7.41 -20.71
C ASP B 377 -19.65 8.24 -20.16
N SER B 378 -19.94 9.18 -19.25
CA SER B 378 -18.91 10.00 -18.63
C SER B 378 -18.91 9.85 -17.11
N THR B 379 -19.54 8.79 -16.60
CA THR B 379 -19.75 8.61 -15.16
C THR B 379 -18.76 7.61 -14.54
N ALA B 380 -18.36 7.86 -13.30
CA ALA B 380 -17.73 6.81 -12.47
C ALA B 380 -18.55 6.66 -11.19
N ILE B 381 -19.01 5.45 -10.91
CA ILE B 381 -19.70 5.13 -9.66
C ILE B 381 -18.68 4.45 -8.74
N ILE B 382 -18.56 4.99 -7.54
CA ILE B 382 -17.73 4.41 -6.50
C ILE B 382 -18.63 3.87 -5.38
N ILE B 383 -18.49 2.58 -5.09
CA ILE B 383 -19.12 2.02 -3.90
C ILE B 383 -18.02 1.92 -2.84
N ILE B 384 -18.22 2.57 -1.70
CA ILE B 384 -17.25 2.48 -0.60
C ILE B 384 -18.03 2.47 0.71
N TYR B 385 -17.44 1.90 1.76
CA TYR B 385 -18.09 1.81 3.07
C TYR B 385 -17.53 2.81 4.08
N ASP B 386 -18.31 3.12 5.12
CA ASP B 386 -17.93 4.13 6.11
C ASP B 386 -17.12 3.52 7.25
N ASP B 387 -17.43 2.27 7.56
CA ASP B 387 -16.83 1.54 8.67
C ASP B 387 -17.12 0.06 8.45
N SER B 388 -16.49 -0.78 9.26
CA SER B 388 -16.50 -2.23 9.11
C SER B 388 -17.57 -2.91 9.98
N ASP B 389 -18.36 -2.12 10.70
CA ASP B 389 -19.27 -2.59 11.77
C ASP B 389 -18.47 -3.12 12.96
N GLY B 390 -17.16 -3.24 12.79
CA GLY B 390 -16.31 -3.97 13.73
C GLY B 390 -16.22 -5.44 13.38
N ASP B 391 -16.69 -5.80 12.18
CA ASP B 391 -16.71 -7.18 11.72
C ASP B 391 -15.32 -7.69 11.43
N TYR B 392 -15.16 -9.01 11.46
CA TYR B 392 -13.86 -9.62 11.17
C TYR B 392 -13.32 -9.25 9.80
N ASP B 393 -12.04 -8.87 9.81
CA ASP B 393 -11.22 -8.80 8.61
C ASP B 393 -9.82 -9.16 9.05
N HIS B 394 -9.11 -9.90 8.22
CA HIS B 394 -7.85 -10.51 8.64
C HIS B 394 -6.64 -9.57 8.53
N VAL B 395 -6.82 -8.43 7.88
CA VAL B 395 -5.70 -7.54 7.55
C VAL B 395 -5.39 -6.56 8.66
N TYR B 396 -4.17 -6.66 9.16
CA TYR B 396 -3.67 -5.75 10.17
C TYR B 396 -3.24 -4.48 9.41
N SER B 397 -4.15 -3.51 9.34
CA SER B 397 -3.99 -2.33 8.48
C SER B 397 -2.69 -1.54 8.73
N PRO B 398 -2.04 -1.06 7.65
CA PRO B 398 -0.84 -0.27 7.86
C PRO B 398 -1.20 1.05 8.55
N LYS B 399 -0.18 1.71 9.11
CA LYS B 399 -0.38 2.98 9.73
C LYS B 399 -0.59 4.08 8.71
N SER B 400 -1.35 5.09 9.11
CA SER B 400 -1.48 6.33 8.36
C SER B 400 -0.44 7.30 8.92
N GLN B 401 -0.18 8.40 8.21
CA GLN B 401 0.76 9.40 8.70
C GLN B 401 0.27 10.11 9.98
N PHE B 402 -1.01 9.97 10.32
CA PHE B 402 -1.57 10.57 11.54
C PHE B 402 -1.72 9.61 12.74
N SER B 403 -1.28 8.37 12.59
CA SER B 403 -1.55 7.33 13.58
C SER B 403 -0.95 7.60 14.97
N ASP B 404 0.07 8.47 15.05
CA ASP B 404 0.67 8.85 16.32
C ASP B 404 -0.07 9.97 17.05
N ILE B 405 -1.05 10.57 16.36
CA ILE B 405 -1.85 11.65 16.95
C ILE B 405 -3.08 11.06 17.63
N LYS B 406 -3.25 11.33 18.93
CA LYS B 406 -4.43 10.85 19.66
C LYS B 406 -5.73 11.26 18.98
N GLY B 407 -6.62 10.29 18.81
CA GLY B 407 -7.91 10.51 18.14
C GLY B 407 -7.87 10.24 16.65
N ARG B 408 -6.67 9.98 16.11
CA ARG B 408 -6.52 9.72 14.67
C ARG B 408 -5.85 8.38 14.38
N GLN B 409 -5.93 7.43 15.32
CA GLN B 409 -5.36 6.11 15.05
C GLN B 409 -5.92 5.51 13.76
N GLY B 410 -5.02 4.95 12.95
CA GLY B 410 -5.40 4.35 11.69
C GLY B 410 -4.17 3.89 10.96
N TYR B 411 -4.34 3.25 9.79
CA TYR B 411 -5.67 3.08 9.19
C TYR B 411 -6.55 2.11 9.95
N GLY B 412 -7.85 2.27 9.81
CA GLY B 412 -8.80 1.39 10.49
C GLY B 412 -8.99 0.14 9.64
N PRO B 413 -10.01 -0.67 9.97
CA PRO B 413 -10.31 -1.89 9.25
C PRO B 413 -10.58 -1.70 7.75
N ARG B 414 -10.28 -2.77 7.02
CA ARG B 414 -10.37 -2.82 5.57
C ARG B 414 -11.84 -2.91 5.12
N LEU B 415 -12.15 -2.22 4.02
CA LEU B 415 -13.54 -2.04 3.56
C LEU B 415 -13.69 -2.46 2.10
N PRO B 416 -14.91 -2.84 1.68
CA PRO B 416 -15.16 -3.02 0.24
C PRO B 416 -15.05 -1.69 -0.51
N MET B 417 -14.57 -1.78 -1.73
CA MET B 417 -14.40 -0.61 -2.58
CA MET B 417 -14.38 -0.60 -2.57
C MET B 417 -14.51 -1.05 -4.02
N LEU B 418 -15.48 -0.49 -4.74
CA LEU B 418 -15.72 -0.84 -6.17
C LEU B 418 -15.77 0.44 -7.02
N VAL B 419 -15.35 0.31 -8.27
CA VAL B 419 -15.51 1.36 -9.27
C VAL B 419 -16.26 0.75 -10.44
N ILE B 420 -17.41 1.36 -10.74
CA ILE B 420 -18.32 0.93 -11.78
C ILE B 420 -18.43 2.09 -12.76
N SER B 421 -17.97 1.85 -13.98
CA SER B 421 -17.81 2.91 -14.97
C SER B 421 -17.57 2.31 -16.35
N PRO B 422 -17.95 3.05 -17.43
CA PRO B 422 -17.52 2.55 -18.75
C PRO B 422 -16.00 2.59 -18.92
N TYR B 423 -15.32 3.33 -18.05
CA TYR B 423 -13.85 3.39 -18.06
C TYR B 423 -13.19 2.45 -17.02
N ALA B 424 -14.00 1.72 -16.25
CA ALA B 424 -13.46 0.76 -15.28
C ALA B 424 -12.82 -0.43 -15.97
N LYS B 425 -11.71 -0.90 -15.42
CA LYS B 425 -11.20 -2.21 -15.78
C LYS B 425 -12.26 -3.23 -15.38
N ALA B 426 -12.41 -4.30 -16.17
CA ALA B 426 -13.51 -5.27 -15.97
C ALA B 426 -13.04 -6.57 -15.33
N ASN B 427 -13.80 -7.09 -14.35
CA ASN B 427 -13.36 -8.27 -13.61
C ASN B 427 -11.90 -8.10 -13.13
N TYR B 428 -11.61 -6.94 -12.56
CA TYR B 428 -10.25 -6.57 -12.21
C TYR B 428 -10.14 -6.26 -10.73
N VAL B 429 -9.10 -6.79 -10.08
CA VAL B 429 -8.85 -6.46 -8.68
C VAL B 429 -7.60 -5.58 -8.55
N ASP B 430 -7.83 -4.35 -8.12
CA ASP B 430 -6.74 -3.42 -7.82
C ASP B 430 -6.26 -3.68 -6.38
N HIS B 431 -4.95 -3.85 -6.23
CA HIS B 431 -4.32 -4.08 -4.92
C HIS B 431 -3.63 -2.81 -4.37
N SER B 432 -3.76 -1.68 -5.10
CA SER B 432 -3.25 -0.40 -4.63
C SER B 432 -3.77 -0.05 -3.23
N LEU B 433 -2.88 0.51 -2.40
CA LEU B 433 -3.24 0.95 -1.07
C LEU B 433 -4.11 2.21 -1.13
N LEU B 434 -5.38 2.05 -0.78
CA LEU B 434 -6.32 3.16 -0.69
C LEU B 434 -6.82 3.36 0.74
N ASN B 435 -7.31 4.58 1.00
CA ASN B 435 -8.14 4.81 2.19
C ASN B 435 -9.32 5.66 1.78
N GLN B 436 -10.20 6.00 2.71
CA GLN B 436 -11.40 6.78 2.35
C GLN B 436 -11.03 8.11 1.69
N ALA B 437 -9.92 8.69 2.13
CA ALA B 437 -9.42 9.92 1.51
C ALA B 437 -8.83 9.78 0.11
N SER B 438 -8.73 8.55 -0.39
CA SER B 438 -8.41 8.34 -1.82
C SER B 438 -9.56 8.81 -2.71
N VAL B 439 -10.79 8.73 -2.21
CA VAL B 439 -11.96 9.20 -3.00
C VAL B 439 -11.84 10.72 -3.13
N LEU B 440 -11.52 11.36 -2.01
CA LEU B 440 -11.19 12.76 -1.99
C LEU B 440 -10.04 13.09 -2.94
N LYS B 441 -9.03 12.23 -2.97
CA LYS B 441 -7.86 12.44 -3.81
C LYS B 441 -8.25 12.45 -5.28
N PHE B 442 -9.12 11.52 -5.68
CA PHE B 442 -9.63 11.45 -7.05
C PHE B 442 -10.38 12.73 -7.43
N ILE B 443 -11.33 13.16 -6.59
CA ILE B 443 -12.08 14.42 -6.87
C ILE B 443 -11.11 15.59 -7.08
N GLU B 444 -10.12 15.71 -6.18
CA GLU B 444 -9.12 16.76 -6.26
C GLU B 444 -8.30 16.65 -7.54
N TYR B 445 -7.83 15.45 -7.85
CA TYR B 445 -7.11 15.22 -9.09
C TYR B 445 -7.93 15.53 -10.35
N ASN B 446 -9.17 15.07 -10.39
CA ASN B 446 -9.99 15.15 -11.60
C ASN B 446 -10.48 16.56 -11.92
N TRP B 447 -10.81 17.32 -10.87
CA TRP B 447 -11.39 18.67 -11.06
C TRP B 447 -10.40 19.80 -10.77
N GLY B 448 -9.17 19.44 -10.43
CA GLY B 448 -8.07 20.40 -10.30
C GLY B 448 -8.11 21.21 -9.01
N ILE B 449 -8.33 20.50 -7.90
CA ILE B 449 -8.36 21.09 -6.56
C ILE B 449 -7.18 20.50 -5.77
N GLY B 450 -6.63 21.28 -4.84
CA GLY B 450 -5.53 20.78 -4.02
C GLY B 450 -6.02 20.13 -2.74
N SER B 451 -5.10 19.98 -1.79
CA SER B 451 -5.41 19.42 -0.48
C SER B 451 -6.40 20.34 0.24
N VAL B 452 -7.41 19.75 0.89
CA VAL B 452 -8.48 20.56 1.50
C VAL B 452 -8.04 21.31 2.77
N SER B 453 -7.03 20.78 3.47
CA SER B 453 -6.54 21.39 4.72
C SER B 453 -5.22 20.80 5.20
N LYS B 454 -4.60 21.45 6.20
CA LYS B 454 -3.37 20.91 6.77
C LYS B 454 -3.64 19.67 7.62
N TYR B 455 -4.91 19.42 7.94
CA TYR B 455 -5.30 18.22 8.70
C TYR B 455 -5.56 16.99 7.85
N SER B 456 -5.70 17.19 6.54
CA SER B 456 -6.21 16.12 5.67
C SER B 456 -5.24 15.01 5.34
N ASN B 457 -5.75 13.79 5.30
CA ASN B 457 -5.01 12.66 4.75
C ASN B 457 -4.95 12.63 3.23
N ASP B 458 -5.62 13.57 2.56
CA ASP B 458 -5.59 13.57 1.09
C ASP B 458 -4.17 13.60 0.52
N LYS B 459 -3.32 14.40 1.15
CA LYS B 459 -1.89 14.53 0.81
C LYS B 459 -1.11 13.21 0.80
N TYR B 460 -1.58 12.23 1.57
CA TYR B 460 -0.88 10.95 1.68
C TYR B 460 -1.57 9.77 1.00
N SER B 461 -2.73 10.05 0.40
CA SER B 461 -3.58 9.03 -0.16
C SER B 461 -3.23 8.77 -1.61
N ASN B 462 -3.22 7.49 -1.98
CA ASN B 462 -3.08 7.17 -3.40
C ASN B 462 -4.39 7.44 -4.11
N ASN B 463 -4.27 7.76 -5.39
CA ASN B 463 -5.42 7.87 -6.28
C ASN B 463 -5.98 6.48 -6.64
N ILE B 464 -7.06 6.47 -7.44
CA ILE B 464 -7.81 5.24 -7.74
C ILE B 464 -7.61 4.84 -9.21
N LEU B 465 -6.57 5.41 -9.84
CA LEU B 465 -6.43 5.34 -11.28
C LEU B 465 -6.09 3.95 -11.81
N ASN B 466 -5.59 3.06 -10.95
CA ASN B 466 -5.33 1.71 -11.43
C ASN B 466 -6.63 0.91 -11.61
N MET B 467 -7.78 1.49 -11.24
CA MET B 467 -9.07 0.84 -11.43
C MET B 467 -9.72 1.26 -12.76
N PHE B 468 -9.03 2.20 -13.43
CA PHE B 468 -9.49 2.78 -14.72
C PHE B 468 -8.56 2.44 -15.88
N ASP B 469 -9.13 2.31 -17.08
CA ASP B 469 -8.32 2.27 -18.28
C ASP B 469 -8.86 3.32 -19.23
N PHE B 470 -8.20 4.47 -19.26
CA PHE B 470 -8.64 5.57 -20.11
C PHE B 470 -8.11 5.49 -21.53
N ASN B 471 -7.35 4.44 -21.83
CA ASN B 471 -6.75 4.31 -23.17
C ASN B 471 -7.42 3.27 -24.07
N LYS B 472 -8.10 2.29 -23.46
CA LYS B 472 -8.79 1.24 -24.22
C LYS B 472 -9.88 1.81 -25.13
N GLU B 473 -10.03 1.20 -26.30
CA GLU B 473 -11.04 1.65 -27.25
C GLU B 473 -12.46 1.22 -26.89
N GLN B 474 -12.65 -0.06 -26.59
CA GLN B 474 -13.98 -0.56 -26.23
C GLN B 474 -14.35 -0.21 -24.81
N LYS B 475 -15.54 0.35 -24.64
CA LYS B 475 -15.99 0.71 -23.31
C LYS B 475 -16.47 -0.51 -22.56
N THR B 476 -16.36 -0.43 -21.24
CA THR B 476 -16.93 -1.41 -20.33
C THR B 476 -18.46 -1.23 -20.40
N LEU B 477 -19.16 -2.31 -20.72
CA LEU B 477 -20.61 -2.25 -20.90
C LEU B 477 -21.41 -2.18 -19.59
N LYS B 478 -22.62 -1.63 -19.68
CA LYS B 478 -23.56 -1.57 -18.55
C LYS B 478 -23.89 -2.98 -18.12
N LEU B 479 -24.17 -3.15 -16.82
CA LEU B 479 -24.62 -4.42 -16.28
C LEU B 479 -25.95 -4.19 -15.58
N ILE B 480 -27.03 -4.69 -16.17
CA ILE B 480 -28.38 -4.48 -15.65
C ILE B 480 -28.79 -5.74 -14.91
N LEU B 481 -29.14 -5.55 -13.63
CA LEU B 481 -29.43 -6.67 -12.74
C LEU B 481 -30.86 -6.62 -12.21
N ASP B 482 -31.31 -7.76 -11.68
CA ASP B 482 -32.62 -7.87 -11.06
C ASP B 482 -32.48 -7.42 -9.61
N PRO B 483 -33.19 -6.34 -9.20
CA PRO B 483 -32.97 -5.82 -7.84
C PRO B 483 -33.35 -6.76 -6.70
N LYS B 484 -34.22 -7.73 -6.98
CA LYS B 484 -34.64 -8.73 -5.98
C LYS B 484 -33.65 -9.88 -5.81
N THR B 485 -32.77 -10.09 -6.79
CA THR B 485 -31.88 -11.26 -6.77
C THR B 485 -30.39 -10.92 -6.90
N GLY B 486 -30.10 -9.79 -7.55
CA GLY B 486 -28.72 -9.43 -7.87
C GLY B 486 -28.20 -10.11 -9.14
N LEU B 487 -29.06 -10.93 -9.75
CA LEU B 487 -28.73 -11.67 -10.97
C LEU B 487 -28.88 -10.81 -12.22
N VAL B 488 -28.14 -11.14 -13.27
CA VAL B 488 -28.23 -10.40 -14.54
C VAL B 488 -29.68 -10.42 -15.06
N MET B 489 -30.19 -9.25 -15.42
CA MET B 489 -31.49 -9.12 -16.07
C MET B 489 -31.30 -9.22 -17.58
N HIS B 495 -34.93 4.05 -22.48
CA HIS B 495 -34.94 4.60 -21.13
C HIS B 495 -33.60 4.24 -20.49
N HIS B 496 -32.62 5.15 -20.39
CA HIS B 496 -32.72 6.61 -20.24
C HIS B 496 -33.48 7.11 -19.01
N HIS B 497 -34.80 7.01 -19.00
CA HIS B 497 -35.59 7.46 -17.84
C HIS B 497 -36.39 6.34 -17.18
N HIS B 498 -36.43 6.38 -15.85
CA HIS B 498 -37.10 5.37 -15.03
C HIS B 498 -38.62 5.29 -15.26
V VO4 C . 20.76 -15.20 -1.41
O1 VO4 C . 21.24 -16.68 -0.29
O2 VO4 C . 22.35 -14.97 -2.34
O3 VO4 C . 19.39 -15.99 -2.39
O4 VO4 C . 20.31 -14.03 -0.04
UNK UNX D . 19.78 -12.34 -0.64
OH2 ETE E . 3.06 8.37 -11.71
C12 ETE E . 3.69 9.64 -11.91
C22 ETE E . 5.19 9.44 -12.16
OH3 ETE E . 5.43 8.63 -13.31
C13 ETE E . 6.93 7.19 -14.55
C23 ETE E . 6.78 8.17 -13.39
OH4 ETE E . 6.73 5.86 -14.08
C14 ETE E . 5.81 3.70 -14.68
C24 ETE E . 6.64 4.90 -15.12
OH5 ETE E . 4.57 4.11 -14.09
C15 ETE E . 2.20 4.56 -14.26
C25 ETE E . 3.48 4.24 -15.02
OH6 ETE E . 2.28 5.89 -13.72
C26 ETE E . 1.17 6.26 -12.90
C2 ETX F . 34.98 -0.07 3.83
O2 ETX F . 34.30 0.10 2.59
C3 ETX F . 33.45 1.26 2.59
C4 ETX F . 33.09 1.77 1.20
O1 ETX F . 34.90 -1.36 5.85
C1 ETX F . 34.10 -0.66 4.93
V VO4 G . -22.98 3.40 12.88
O1 VO4 G . -21.71 4.66 13.52
O2 VO4 G . -22.34 2.06 11.70
O3 VO4 G . -24.47 4.37 12.18
O4 VO4 G . -23.73 2.32 14.29
UNK UNX H . -21.66 2.59 9.94
O28 DVT I . -37.06 6.84 -20.96
V10 DVT I . -37.21 7.39 -22.45
O18 DVT I . -38.09 5.92 -23.34
O15 DVT I . -38.61 8.60 -22.40
V1 DVT I . -39.02 9.48 -24.03
O5 DVT I . -40.22 10.47 -23.70
O27 DVT I . -35.81 8.69 -22.50
V9 DVT I . -35.92 9.81 -23.99
O2 DVT I . -37.20 8.12 -24.59
O4 DVT I . -37.52 10.67 -24.08
O8 DVT I . -36.05 10.13 -25.97
O26 DVT I . -34.95 11.03 -23.60
O24 DVT I . -34.55 8.52 -24.73
V7 DVT I . -34.28 9.29 -26.59
O11 DVT I . -34.84 9.77 -28.24
O25 DVT I . -33.32 10.53 -26.24
O21 DVT I . -33.13 7.88 -26.67
V6 DVT I . -33.92 6.34 -27.48
O19 DVT I . -35.39 5.10 -27.51
O22 DVT I . -32.65 5.42 -27.78
O6 DVT I . -34.34 7.15 -29.10
V8 DVT I . -35.57 6.89 -24.96
O20 DVT I . -34.25 5.95 -25.50
O23 DVT I . -35.61 6.42 -23.33
O16 DVT I . -35.75 7.65 -26.89
V5 DVT I . -35.76 8.33 -29.05
O14 DVT I . -35.94 8.83 -30.58
O7 DVT I . -37.33 9.34 -28.16
V2 DVT I . -37.38 8.88 -26.54
O1 DVT I . -38.73 9.80 -26.01
O17 DVT I . -36.94 5.66 -25.54
V4 DVT I . -37.03 5.94 -27.54
O13 DVT I . -37.19 7.07 -29.00
O12 DVT I . -38.03 4.71 -27.94
O9 DVT I . -38.39 7.24 -26.80
V3 DVT I . -38.70 6.53 -24.96
O3 DVT I . -39.84 7.95 -24.84
O10 DVT I . -39.72 5.31 -25.28
C1 PGE J . -4.09 16.16 -7.19
O1 PGE J . -2.84 15.49 -7.29
C2 PGE J . -4.71 15.97 -5.81
O2 PGE J . -3.80 16.37 -4.79
C3 PGE J . -4.39 16.27 -3.50
C4 PGE J . -3.36 16.47 -2.40
O4 PGE J . 0.29 15.01 -4.09
C6 PGE J . 0.09 15.18 -2.68
C5 PGE J . -1.01 16.20 -2.45
O3 PGE J . -2.27 15.56 -2.56
C1 PGE K . -36.33 31.02 -5.01
O1 PGE K . -36.78 32.12 -4.21
C2 PGE K . -37.37 29.92 -4.99
O2 PGE K . -37.66 29.58 -3.63
C3 PGE K . -38.70 28.60 -3.52
C4 PGE K . -38.79 28.15 -2.05
O4 PGE K . -39.24 31.09 0.88
C6 PGE K . -40.04 29.90 0.93
C5 PGE K . -39.33 28.82 0.12
O3 PGE K . -39.02 29.27 -1.20
#